data_9KPU
#
_entry.id   9KPU
#
_cell.length_a   54.120
_cell.length_b   74.110
_cell.length_c   103.190
_cell.angle_alpha   90.00
_cell.angle_beta   98.13
_cell.angle_gamma   90.00
#
_symmetry.space_group_name_H-M   'P 1 21 1'
#
loop_
_entity.id
_entity.type
_entity.pdbx_description
1 polymer 'Cytochrome P450'
2 non-polymer 'PROTOPORPHYRIN IX CONTAINING FE'
3 non-polymer 'forazoline C'
4 water water
#
_entity_poly.entity_id   1
_entity_poly.type   'polypeptide(L)'
_entity_poly.pdbx_seq_one_letter_code
;IFTPRPDGSPPPEFAERRAGAPLAPVTMPSGDEATLAVRYADVHEVLTSPDFSRAALLAPEAPRILPGEEFGEDPNALTN
MDPPRHTRIRRVLAGIFSPRHVKEWHPRVAAMTDELVGAVATGERPVDLVETFTLPLPIQIMCELMGVPAADRRKFQLWT
DMIISSTAFTAEERIGAAGEFTGYVSELIEGRRGTGGDALIDALIEAHEDGERLSEAELVHLTVMLIMAGYETTAGVLAR
GLLTLLTTGQYRTLVEEPAVIPTAVEEILRYEAPSDGGLLRMPTKDVRLPSGVVGEGQAVMPSMAAANRDPEVFTDPETF
DVRRAKCPHLTFGQGAHYCAGANLARHELQVALETLTRRLPDLRLAVEPTEIEWRKGLLLRGPLTVPVTW
;
_entity_poly.pdbx_strand_id   A,B
#
# COMPACT_ATOMS: atom_id res chain seq x y z
N PHE A 2 -27.19 6.87 -25.28
CA PHE A 2 -26.68 7.39 -26.58
C PHE A 2 -26.48 8.91 -26.46
N THR A 3 -27.58 9.70 -26.40
CA THR A 3 -27.52 11.15 -26.23
C THR A 3 -27.48 11.50 -24.74
N PRO A 4 -26.58 12.42 -24.31
CA PRO A 4 -26.36 12.65 -22.89
C PRO A 4 -27.65 12.97 -22.13
N ARG A 5 -27.86 12.30 -21.00
CA ARG A 5 -28.99 12.56 -20.12
C ARG A 5 -28.46 13.32 -18.90
N PRO A 6 -29.27 14.21 -18.25
CA PRO A 6 -28.76 15.03 -17.16
C PRO A 6 -28.69 14.32 -15.80
N ASP A 7 -29.16 13.06 -15.75
CA ASP A 7 -29.32 12.28 -14.53
C ASP A 7 -29.02 10.81 -14.85
N GLY A 8 -29.40 9.89 -13.95
CA GLY A 8 -29.26 8.45 -14.17
C GLY A 8 -30.59 7.76 -14.49
N SER A 9 -31.50 8.52 -15.08
CA SER A 9 -32.75 7.98 -15.56
C SER A 9 -32.50 7.25 -16.88
N PRO A 10 -33.03 6.02 -17.08
CA PRO A 10 -32.90 5.31 -18.35
C PRO A 10 -33.51 6.09 -19.50
N PRO A 11 -33.08 5.90 -20.77
CA PRO A 11 -33.80 6.52 -21.87
C PRO A 11 -35.17 5.88 -22.00
N PRO A 12 -36.26 6.65 -22.18
CA PRO A 12 -37.58 6.07 -22.27
C PRO A 12 -37.77 5.14 -23.49
N GLU A 13 -36.82 5.19 -24.45
CA GLU A 13 -36.88 4.36 -25.64
C GLU A 13 -36.69 2.90 -25.24
N PHE A 14 -36.16 2.65 -24.04
CA PHE A 14 -36.00 1.26 -23.59
C PHE A 14 -37.35 0.61 -23.29
N ALA A 15 -38.24 1.35 -22.63
CA ALA A 15 -39.48 0.75 -22.16
C ALA A 15 -40.39 0.50 -23.36
N GLU A 16 -40.35 1.43 -24.32
CA GLU A 16 -41.00 1.35 -25.61
C GLU A 16 -40.51 0.14 -26.40
N ARG A 17 -39.18 -0.05 -26.45
CA ARG A 17 -38.65 -1.17 -27.22
C ARG A 17 -39.00 -2.49 -26.52
N ARG A 18 -38.98 -2.52 -25.19
CA ARG A 18 -39.36 -3.76 -24.51
C ARG A 18 -40.83 -4.09 -24.77
N ALA A 19 -41.66 -3.05 -24.99
CA ALA A 19 -43.10 -3.27 -25.12
C ALA A 19 -43.37 -3.84 -26.50
N GLY A 20 -42.90 -3.14 -27.55
CA GLY A 20 -43.27 -3.49 -28.92
C GLY A 20 -42.15 -3.56 -29.96
N ALA A 21 -40.87 -3.29 -29.61
CA ALA A 21 -39.80 -3.22 -30.61
C ALA A 21 -38.55 -3.87 -30.07
N PRO A 22 -38.68 -5.15 -29.64
CA PRO A 22 -37.64 -5.84 -28.90
C PRO A 22 -36.29 -6.00 -29.61
N LEU A 23 -36.31 -6.08 -30.95
CA LEU A 23 -35.12 -6.34 -31.75
C LEU A 23 -35.05 -5.38 -32.96
N ALA A 24 -35.15 -4.07 -32.70
CA ALA A 24 -35.13 -3.07 -33.74
C ALA A 24 -33.76 -2.43 -33.90
N PRO A 25 -33.44 -1.93 -35.10
CA PRO A 25 -32.23 -1.11 -35.28
C PRO A 25 -32.10 0.06 -34.30
N VAL A 26 -30.84 0.37 -33.99
CA VAL A 26 -30.47 1.58 -33.28
C VAL A 26 -29.24 2.08 -34.01
N THR A 27 -29.15 3.41 -34.12
CA THR A 27 -28.00 4.09 -34.70
C THR A 27 -27.05 4.48 -33.56
N MET A 28 -25.81 4.02 -33.64
CA MET A 28 -24.85 4.16 -32.58
C MET A 28 -23.98 5.40 -32.81
N PRO A 29 -23.20 5.88 -31.82
CA PRO A 29 -22.47 7.15 -31.93
C PRO A 29 -21.55 7.25 -33.14
N SER A 30 -21.05 6.08 -33.57
CA SER A 30 -20.27 5.93 -34.79
C SER A 30 -21.06 6.33 -36.05
N GLY A 31 -22.39 6.34 -35.97
CA GLY A 31 -23.21 6.47 -37.18
C GLY A 31 -23.67 5.13 -37.75
N ASP A 32 -22.96 4.04 -37.42
CA ASP A 32 -23.38 2.70 -37.84
C ASP A 32 -24.53 2.18 -36.99
N GLU A 33 -25.25 1.17 -37.49
CA GLU A 33 -26.37 0.61 -36.73
C GLU A 33 -26.20 -0.88 -36.39
N ALA A 34 -27.00 -1.31 -35.41
CA ALA A 34 -27.05 -2.68 -34.94
C ALA A 34 -28.45 -2.94 -34.40
N THR A 35 -28.82 -4.21 -34.24
CA THR A 35 -30.04 -4.58 -33.53
C THR A 35 -29.80 -4.42 -32.02
N LEU A 36 -30.69 -3.67 -31.34
CA LEU A 36 -30.62 -3.41 -29.92
C LEU A 36 -31.52 -4.40 -29.17
N ALA A 37 -30.93 -5.34 -28.44
CA ALA A 37 -31.68 -6.26 -27.62
C ALA A 37 -31.86 -5.68 -26.21
N VAL A 38 -33.11 -5.46 -25.77
CA VAL A 38 -33.41 -4.88 -24.46
C VAL A 38 -34.17 -5.85 -23.52
N ARG A 39 -34.87 -6.84 -24.04
CA ARG A 39 -35.66 -7.68 -23.15
C ARG A 39 -34.75 -8.70 -22.51
N TYR A 40 -34.94 -8.93 -21.23
CA TYR A 40 -34.20 -10.04 -20.60
C TYR A 40 -34.75 -11.26 -21.30
N ALA A 41 -33.90 -12.28 -21.61
CA ALA A 41 -34.24 -13.48 -22.41
C ALA A 41 -33.60 -13.26 -23.78
N ASP A 42 -33.84 -12.08 -24.38
CA ASP A 42 -33.12 -11.77 -25.62
C ASP A 42 -31.67 -11.48 -25.24
N VAL A 43 -31.46 -10.72 -24.15
CA VAL A 43 -30.09 -10.36 -23.82
C VAL A 43 -29.34 -11.57 -23.28
N HIS A 44 -30.02 -12.32 -22.40
CA HIS A 44 -29.51 -13.59 -21.90
C HIS A 44 -29.05 -14.46 -23.06
N GLU A 45 -29.93 -14.68 -24.04
CA GLU A 45 -29.59 -15.55 -25.15
C GLU A 45 -28.40 -14.98 -25.93
N VAL A 46 -28.41 -13.66 -26.26
CA VAL A 46 -27.32 -13.01 -26.99
C VAL A 46 -25.99 -13.25 -26.27
N LEU A 47 -25.96 -13.14 -24.93
CA LEU A 47 -24.73 -13.32 -24.16
C LEU A 47 -24.32 -14.80 -24.01
N THR A 48 -25.26 -15.76 -24.02
CA THR A 48 -24.84 -17.15 -23.74
C THR A 48 -24.66 -17.99 -25.01
N SER A 49 -25.43 -17.73 -26.08
CA SER A 49 -25.46 -18.59 -27.24
C SER A 49 -24.08 -18.68 -27.90
N PRO A 50 -23.68 -19.87 -28.40
CA PRO A 50 -22.40 -20.03 -29.08
C PRO A 50 -22.41 -19.51 -30.51
N ASP A 51 -23.55 -19.05 -31.01
CA ASP A 51 -23.67 -18.72 -32.42
C ASP A 51 -23.40 -17.23 -32.62
N PHE A 52 -22.80 -16.57 -31.63
CA PHE A 52 -22.39 -15.17 -31.79
C PHE A 52 -20.89 -15.06 -31.52
N SER A 53 -20.25 -14.11 -32.20
CA SER A 53 -18.80 -13.92 -32.19
C SER A 53 -18.49 -12.48 -31.83
N ARG A 54 -17.39 -12.32 -31.08
CA ARG A 54 -16.82 -11.03 -30.73
C ARG A 54 -15.74 -10.71 -31.75
N ALA A 55 -14.92 -11.71 -32.05
CA ALA A 55 -13.76 -11.46 -32.87
C ALA A 55 -14.19 -10.96 -34.25
N ALA A 56 -15.40 -11.29 -34.69
CA ALA A 56 -15.83 -10.88 -36.02
C ALA A 56 -15.93 -9.36 -36.14
N LEU A 57 -16.00 -8.64 -35.00
CA LEU A 57 -16.11 -7.21 -35.01
C LEU A 57 -14.79 -6.51 -35.29
N LEU A 58 -13.70 -7.30 -35.38
CA LEU A 58 -12.42 -6.75 -35.80
C LEU A 58 -12.34 -6.58 -37.32
N ALA A 59 -13.06 -7.40 -38.09
CA ALA A 59 -13.08 -7.30 -39.56
C ALA A 59 -13.39 -5.86 -39.99
N PRO A 60 -12.82 -5.38 -41.11
CA PRO A 60 -12.85 -3.95 -41.43
C PRO A 60 -14.24 -3.44 -41.80
N GLU A 61 -15.12 -4.35 -42.24
CA GLU A 61 -16.48 -4.02 -42.67
C GLU A 61 -17.49 -4.00 -41.51
N ALA A 62 -17.18 -4.68 -40.39
CA ALA A 62 -18.11 -4.82 -39.27
C ALA A 62 -18.43 -3.46 -38.64
N PRO A 63 -19.61 -3.28 -38.00
CA PRO A 63 -20.00 -1.98 -37.40
C PRO A 63 -19.26 -1.72 -36.09
N ARG A 64 -19.15 -0.44 -35.73
CA ARG A 64 -18.45 -0.07 -34.48
C ARG A 64 -19.42 0.73 -33.60
N ILE A 65 -19.18 0.76 -32.30
CA ILE A 65 -20.01 1.54 -31.38
C ILE A 65 -19.62 3.01 -31.45
N LEU A 66 -18.33 3.35 -31.26
CA LEU A 66 -17.89 4.74 -31.31
C LEU A 66 -16.91 4.91 -32.48
N PRO A 67 -16.55 6.15 -32.90
CA PRO A 67 -15.51 6.32 -33.92
C PRO A 67 -14.09 6.23 -33.35
N GLY A 68 -13.22 5.43 -34.01
CA GLY A 68 -11.81 5.35 -33.66
C GLY A 68 -11.28 3.91 -33.65
N GLU A 69 -10.09 3.75 -33.03
CA GLU A 69 -9.44 2.46 -32.83
C GLU A 69 -9.19 2.22 -31.33
N GLU A 70 -8.14 1.43 -31.03
CA GLU A 70 -7.71 1.16 -29.66
C GLU A 70 -6.49 0.22 -29.70
N GLU A 73 -10.00 -1.92 -30.08
CA GLU A 73 -9.89 -2.65 -31.37
C GLU A 73 -8.66 -3.58 -31.38
N ASP A 74 -8.05 -3.74 -30.20
CA ASP A 74 -6.82 -4.57 -30.07
C ASP A 74 -7.11 -6.05 -30.27
N PRO A 75 -6.31 -6.74 -31.10
CA PRO A 75 -6.51 -8.18 -31.41
C PRO A 75 -6.09 -9.06 -30.24
N ASN A 76 -5.38 -8.49 -29.27
CA ASN A 76 -4.89 -9.28 -28.11
C ASN A 76 -5.67 -8.92 -26.85
N ALA A 77 -6.81 -8.26 -27.00
CA ALA A 77 -7.66 -7.98 -25.84
C ALA A 77 -8.66 -9.11 -25.66
N LEU A 78 -8.87 -9.52 -24.40
CA LEU A 78 -9.70 -10.68 -24.08
C LEU A 78 -11.10 -10.53 -24.69
N THR A 79 -11.62 -9.30 -24.68
CA THR A 79 -12.98 -9.01 -25.11
C THR A 79 -13.15 -9.13 -26.64
N ASN A 80 -12.05 -9.31 -27.38
CA ASN A 80 -12.13 -9.37 -28.82
C ASN A 80 -11.73 -10.76 -29.30
N MET A 81 -11.81 -11.77 -28.43
CA MET A 81 -11.41 -13.11 -28.80
C MET A 81 -12.60 -14.05 -28.69
N ASP A 82 -12.51 -15.16 -29.45
CA ASP A 82 -13.45 -16.26 -29.44
C ASP A 82 -12.75 -17.54 -28.98
N PRO A 83 -13.50 -18.60 -28.58
CA PRO A 83 -12.88 -19.91 -28.45
C PRO A 83 -12.11 -20.26 -29.71
N PRO A 84 -11.05 -21.12 -29.69
CA PRO A 84 -10.49 -21.66 -28.44
C PRO A 84 -9.54 -20.73 -27.68
N ARG A 85 -8.91 -19.75 -28.36
CA ARG A 85 -8.04 -18.80 -27.68
C ARG A 85 -8.71 -18.24 -26.42
N HIS A 86 -9.92 -17.67 -26.60
CA HIS A 86 -10.66 -17.06 -25.51
C HIS A 86 -10.68 -18.02 -24.34
N THR A 87 -11.02 -19.28 -24.60
CA THR A 87 -11.21 -20.26 -23.53
C THR A 87 -9.91 -20.47 -22.75
N ARG A 88 -8.77 -20.53 -23.47
CA ARG A 88 -7.48 -20.73 -22.82
C ARG A 88 -7.19 -19.61 -21.81
N ILE A 89 -7.47 -18.35 -22.18
CA ILE A 89 -7.11 -17.25 -21.29
C ILE A 89 -8.07 -17.24 -20.11
N ARG A 90 -9.30 -17.70 -20.29
CA ARG A 90 -10.25 -17.70 -19.18
C ARG A 90 -9.91 -18.80 -18.16
N ARG A 91 -9.41 -19.95 -18.63
CA ARG A 91 -8.99 -21.02 -17.76
C ARG A 91 -7.87 -20.50 -16.84
N VAL A 92 -6.98 -19.68 -17.42
CA VAL A 92 -5.90 -19.13 -16.65
C VAL A 92 -6.46 -18.18 -15.59
N LEU A 93 -7.51 -17.42 -15.95
CA LEU A 93 -8.06 -16.40 -15.09
C LEU A 93 -8.83 -17.02 -13.93
N ALA A 94 -9.55 -18.13 -14.16
CA ALA A 94 -10.16 -18.90 -13.09
C ALA A 94 -9.07 -19.44 -12.14
N GLY A 95 -7.96 -19.91 -12.71
CA GLY A 95 -6.82 -20.35 -11.93
C GLY A 95 -6.22 -19.25 -11.04
N ILE A 96 -6.36 -17.99 -11.48
CA ILE A 96 -5.81 -16.83 -10.80
C ILE A 96 -6.86 -16.28 -9.82
N PHE A 97 -7.95 -15.72 -10.36
CA PHE A 97 -9.02 -15.19 -9.53
C PHE A 97 -9.69 -16.49 -9.14
N SER A 98 -8.98 -17.28 -8.33
CA SER A 98 -9.56 -18.45 -7.69
C SER A 98 -10.43 -17.80 -6.61
N PRO A 99 -11.77 -18.05 -6.56
CA PRO A 99 -12.57 -17.50 -5.46
C PRO A 99 -11.96 -17.78 -4.07
N ARG A 100 -11.05 -18.77 -3.99
CA ARG A 100 -10.35 -19.16 -2.77
C ARG A 100 -8.90 -18.64 -2.74
N HIS A 101 -8.58 -17.70 -3.62
CA HIS A 101 -7.29 -16.99 -3.60
C HIS A 101 -7.54 -15.52 -3.25
N VAL A 102 -8.83 -15.13 -3.36
CA VAL A 102 -9.33 -13.87 -2.84
C VAL A 102 -8.95 -13.69 -1.36
N LYS A 103 -8.75 -14.79 -0.61
CA LYS A 103 -8.56 -14.72 0.83
C LYS A 103 -7.25 -14.00 1.14
N GLU A 104 -6.18 -14.23 0.37
CA GLU A 104 -4.95 -13.47 0.58
C GLU A 104 -5.15 -12.00 0.15
N TRP A 105 -6.27 -11.68 -0.54
CA TRP A 105 -6.55 -10.33 -1.07
C TRP A 105 -7.61 -9.56 -0.28
N HIS A 106 -8.55 -10.22 0.39
CA HIS A 106 -9.57 -9.42 1.13
C HIS A 106 -8.90 -8.35 2.00
N PRO A 107 -7.87 -8.62 2.84
CA PRO A 107 -7.29 -7.59 3.70
C PRO A 107 -6.87 -6.30 3.00
N ARG A 108 -6.40 -6.42 1.76
CA ARG A 108 -5.90 -5.24 1.04
C ARG A 108 -7.10 -4.38 0.65
N VAL A 109 -8.22 -5.04 0.40
CA VAL A 109 -9.41 -4.29 0.02
C VAL A 109 -9.88 -3.48 1.25
N ALA A 110 -10.01 -4.14 2.41
CA ALA A 110 -10.49 -3.50 3.62
C ALA A 110 -9.60 -2.35 4.05
N ALA A 111 -8.28 -2.57 3.92
CA ALA A 111 -7.25 -1.64 4.34
C ALA A 111 -7.30 -0.37 3.50
N MET A 112 -7.60 -0.51 2.20
CA MET A 112 -7.65 0.64 1.32
C MET A 112 -8.94 1.40 1.58
N THR A 113 -10.00 0.69 2.00
CA THR A 113 -11.28 1.31 2.33
C THR A 113 -11.14 2.12 3.63
N ASP A 114 -10.69 1.46 4.71
CA ASP A 114 -10.37 2.09 5.99
C ASP A 114 -9.49 3.32 5.77
N GLU A 115 -8.41 3.17 5.02
CA GLU A 115 -7.61 4.34 4.70
C GLU A 115 -8.52 5.48 4.23
N LEU A 116 -9.27 5.28 3.14
CA LEU A 116 -9.94 6.37 2.43
C LEU A 116 -11.15 6.94 3.17
N VAL A 117 -11.87 6.06 3.91
CA VAL A 117 -13.02 6.49 4.70
C VAL A 117 -12.55 7.34 5.88
N GLY A 118 -11.41 6.99 6.49
CA GLY A 118 -10.76 7.81 7.50
C GLY A 118 -10.49 9.22 6.99
N ALA A 119 -9.90 9.32 5.80
CA ALA A 119 -9.59 10.61 5.18
C ALA A 119 -10.86 11.42 4.89
N VAL A 120 -11.92 10.75 4.42
CA VAL A 120 -13.21 11.44 4.24
C VAL A 120 -13.65 11.97 5.61
N ALA A 121 -13.67 11.08 6.62
CA ALA A 121 -14.17 11.39 7.95
C ALA A 121 -13.61 12.69 8.55
N THR A 122 -12.32 13.02 8.33
CA THR A 122 -11.71 14.21 8.93
C THR A 122 -11.53 15.31 7.89
N GLY A 123 -12.05 15.08 6.68
CA GLY A 123 -12.02 16.06 5.61
C GLY A 123 -13.01 17.19 5.86
N GLU A 124 -12.82 18.27 5.10
CA GLU A 124 -13.68 19.44 5.10
C GLU A 124 -15.07 19.11 4.53
N ARG A 125 -16.10 19.26 5.37
CA ARG A 125 -17.48 19.24 4.90
C ARG A 125 -17.91 20.54 4.21
N PRO A 126 -18.66 20.46 3.09
CA PRO A 126 -19.06 19.20 2.49
C PRO A 126 -17.96 18.58 1.62
N VAL A 127 -17.90 17.24 1.61
CA VAL A 127 -16.87 16.48 0.89
C VAL A 127 -17.49 15.94 -0.40
N ASP A 128 -16.68 15.85 -1.46
CA ASP A 128 -17.09 15.16 -2.69
C ASP A 128 -16.67 13.70 -2.59
N LEU A 129 -17.66 12.78 -2.58
CA LEU A 129 -17.38 11.39 -2.27
C LEU A 129 -16.75 10.72 -3.47
N VAL A 130 -16.81 11.35 -4.65
CA VAL A 130 -16.25 10.75 -5.86
C VAL A 130 -14.73 10.91 -5.81
N GLU A 131 -14.28 12.17 -5.84
CA GLU A 131 -12.87 12.51 -5.82
C GLU A 131 -12.15 11.85 -4.63
N THR A 132 -12.79 11.79 -3.45
CA THR A 132 -12.11 11.35 -2.24
C THR A 132 -12.37 9.88 -1.90
N PHE A 133 -13.35 9.20 -2.54
CA PHE A 133 -13.66 7.83 -2.13
C PHE A 133 -13.82 6.91 -3.35
N THR A 134 -14.80 7.21 -4.22
CA THR A 134 -15.32 6.21 -5.13
C THR A 134 -14.40 6.07 -6.35
N LEU A 135 -13.84 7.18 -6.83
CA LEU A 135 -12.86 7.13 -7.90
C LEU A 135 -11.55 6.49 -7.43
N PRO A 136 -10.88 6.93 -6.33
CA PRO A 136 -9.60 6.34 -5.93
C PRO A 136 -9.66 4.95 -5.32
N LEU A 137 -10.75 4.55 -4.70
CA LEU A 137 -10.75 3.21 -4.03
C LEU A 137 -10.38 2.09 -5.02
N PRO A 138 -11.04 1.92 -6.17
CA PRO A 138 -10.79 0.78 -7.11
C PRO A 138 -9.44 0.87 -7.82
N ILE A 139 -9.02 2.07 -8.20
CA ILE A 139 -7.70 2.24 -8.86
C ILE A 139 -6.61 1.91 -7.82
N GLN A 140 -6.71 2.47 -6.62
CA GLN A 140 -5.76 2.11 -5.58
C GLN A 140 -5.81 0.62 -5.25
N ILE A 141 -6.98 -0.01 -5.35
CA ILE A 141 -7.00 -1.43 -5.09
C ILE A 141 -6.30 -2.18 -6.23
N MET A 142 -6.64 -1.88 -7.48
CA MET A 142 -6.05 -2.63 -8.57
C MET A 142 -4.54 -2.42 -8.51
N CYS A 143 -4.10 -1.18 -8.25
CA CYS A 143 -2.68 -0.89 -8.25
C CYS A 143 -1.95 -1.72 -7.20
N GLU A 144 -2.52 -1.88 -6.01
CA GLU A 144 -1.82 -2.63 -4.98
C GLU A 144 -1.69 -4.07 -5.44
N LEU A 145 -2.73 -4.60 -6.08
CA LEU A 145 -2.72 -5.99 -6.52
C LEU A 145 -1.76 -6.25 -7.69
N MET A 146 -1.41 -5.19 -8.45
CA MET A 146 -0.50 -5.27 -9.57
C MET A 146 0.92 -4.83 -9.18
N GLY A 147 1.18 -4.62 -7.89
CA GLY A 147 2.51 -4.25 -7.42
C GLY A 147 2.97 -2.92 -8.01
N VAL A 148 1.98 -2.05 -8.21
CA VAL A 148 2.27 -0.74 -8.86
C VAL A 148 2.60 0.30 -7.78
N PRO A 149 3.74 0.99 -7.90
CA PRO A 149 4.10 2.07 -6.96
C PRO A 149 2.95 3.04 -6.85
N ALA A 150 2.58 3.37 -5.62
CA ALA A 150 1.47 4.31 -5.38
C ALA A 150 1.75 5.66 -6.03
N ALA A 151 3.03 5.93 -6.32
CA ALA A 151 3.39 7.19 -6.95
C ALA A 151 2.92 7.25 -8.40
N ASP A 152 2.52 6.10 -8.98
CA ASP A 152 2.14 6.05 -10.38
C ASP A 152 0.64 5.84 -10.56
N ARG A 153 -0.15 5.89 -9.49
CA ARG A 153 -1.59 5.61 -9.61
C ARG A 153 -2.32 6.72 -10.41
N ARG A 154 -1.95 7.98 -10.20
CA ARG A 154 -2.61 9.07 -10.91
C ARG A 154 -2.40 8.90 -12.41
N LYS A 155 -1.22 8.40 -12.80
CA LYS A 155 -0.88 8.23 -14.20
C LYS A 155 -1.75 7.13 -14.81
N PHE A 156 -1.98 6.05 -14.06
CA PHE A 156 -2.84 4.95 -14.55
C PHE A 156 -4.26 5.46 -14.71
N GLN A 157 -4.69 6.33 -13.81
CA GLN A 157 -6.04 6.92 -13.88
C GLN A 157 -6.19 7.77 -15.15
N LEU A 158 -5.18 8.57 -15.48
CA LEU A 158 -5.35 9.47 -16.62
C LEU A 158 -5.21 8.69 -17.92
N TRP A 159 -4.34 7.67 -17.98
CA TRP A 159 -4.25 6.90 -19.22
C TRP A 159 -5.57 6.21 -19.55
N THR A 160 -6.21 5.62 -18.51
CA THR A 160 -7.51 4.98 -18.65
C THR A 160 -8.56 6.01 -19.08
N ASP A 161 -8.63 7.15 -18.38
CA ASP A 161 -9.57 8.17 -18.76
C ASP A 161 -9.32 8.59 -20.21
N MET A 162 -8.06 8.71 -20.61
CA MET A 162 -7.76 9.14 -21.96
C MET A 162 -8.31 8.10 -22.93
N ILE A 163 -8.08 6.81 -22.63
CA ILE A 163 -8.54 5.72 -23.48
C ILE A 163 -10.02 5.48 -23.21
N ILE A 164 -10.89 6.28 -23.86
CA ILE A 164 -12.21 6.58 -23.31
C ILE A 164 -12.74 5.35 -22.55
N PHE A 169 -7.58 13.46 -25.84
CA PHE A 169 -8.13 12.20 -26.41
C PHE A 169 -8.60 12.40 -27.87
N THR A 170 -7.74 12.11 -28.86
CA THR A 170 -8.08 12.18 -30.29
C THR A 170 -7.19 11.24 -31.06
N ALA A 171 -7.56 9.98 -31.18
CA ALA A 171 -6.83 8.99 -32.01
C ALA A 171 -5.43 9.14 -31.42
N GLU A 172 -4.49 9.74 -32.14
CA GLU A 172 -3.09 9.44 -31.94
C GLU A 172 -2.78 9.70 -30.45
N GLU A 173 -3.55 10.58 -29.80
CA GLU A 173 -3.44 10.80 -28.37
C GLU A 173 -3.92 9.60 -27.55
N ARG A 174 -4.78 8.76 -28.11
CA ARG A 174 -5.23 7.58 -27.39
C ARG A 174 -4.26 6.45 -27.67
N ILE A 175 -3.70 6.40 -28.87
CA ILE A 175 -2.67 5.43 -29.17
C ILE A 175 -1.45 5.73 -28.30
N GLY A 176 -1.07 7.02 -28.21
CA GLY A 176 0.01 7.42 -27.33
C GLY A 176 -0.16 6.89 -25.90
N ALA A 177 -1.34 7.11 -25.31
CA ALA A 177 -1.59 6.77 -23.92
C ALA A 177 -1.68 5.25 -23.71
N ALA A 178 -2.22 4.55 -24.70
CA ALA A 178 -2.18 3.09 -24.64
C ALA A 178 -0.74 2.61 -24.68
N GLY A 179 0.15 3.42 -25.26
CA GLY A 179 1.53 3.02 -25.52
C GLY A 179 2.41 3.20 -24.28
N GLU A 180 2.00 4.13 -23.44
CA GLU A 180 2.72 4.36 -22.17
C GLU A 180 2.28 3.29 -21.18
N PHE A 181 1.01 2.93 -21.21
CA PHE A 181 0.46 1.92 -20.27
C PHE A 181 1.08 0.58 -20.58
N THR A 182 0.99 0.17 -21.85
CA THR A 182 1.57 -1.11 -22.30
C THR A 182 3.05 -1.11 -22.00
N GLY A 183 3.72 0.01 -22.28
CA GLY A 183 5.15 0.07 -22.02
C GLY A 183 5.46 0.04 -20.52
N TYR A 184 4.74 0.83 -19.73
CA TYR A 184 4.95 0.83 -18.30
C TYR A 184 4.72 -0.60 -17.79
N VAL A 185 3.63 -1.22 -18.26
CA VAL A 185 3.26 -2.52 -17.75
C VAL A 185 4.31 -3.55 -18.13
N SER A 186 4.90 -3.48 -19.34
CA SER A 186 5.83 -4.55 -19.72
C SER A 186 7.11 -4.46 -18.89
N GLU A 187 7.62 -3.23 -18.74
CA GLU A 187 8.67 -2.86 -17.82
C GLU A 187 8.38 -3.35 -16.39
N LEU A 188 7.28 -2.87 -15.78
CA LEU A 188 6.79 -3.40 -14.52
C LEU A 188 6.97 -4.92 -14.46
N ILE A 189 6.57 -5.60 -15.52
CA ILE A 189 6.63 -7.06 -15.58
C ILE A 189 8.08 -7.53 -15.51
N GLU A 190 8.97 -6.88 -16.28
CA GLU A 190 10.34 -7.36 -16.42
C GLU A 190 10.97 -7.32 -15.03
N GLY A 191 10.67 -6.24 -14.28
CA GLY A 191 11.14 -6.01 -12.92
C GLY A 191 10.69 -7.12 -11.98
N ARG A 192 9.45 -7.58 -12.16
CA ARG A 192 8.80 -8.38 -11.17
C ARG A 192 9.15 -9.85 -11.35
N ARG A 193 9.31 -10.29 -12.59
CA ARG A 193 9.85 -11.59 -12.91
C ARG A 193 11.13 -11.77 -12.10
N GLY A 194 11.17 -12.79 -11.25
CA GLY A 194 12.39 -13.12 -10.53
C GLY A 194 12.34 -12.79 -9.05
N THR A 195 11.52 -11.80 -8.65
CA THR A 195 11.15 -11.63 -7.25
C THR A 195 10.25 -12.81 -6.91
N GLY A 196 10.11 -13.15 -5.64
CA GLY A 196 9.24 -14.27 -5.31
C GLY A 196 7.88 -13.79 -4.79
N GLY A 197 7.13 -13.07 -5.64
CA GLY A 197 5.91 -12.37 -5.22
C GLY A 197 4.67 -13.28 -5.18
N ASP A 198 3.60 -12.81 -4.50
CA ASP A 198 2.35 -13.56 -4.38
C ASP A 198 1.13 -12.67 -4.67
N ALA A 199 1.35 -11.51 -5.32
CA ALA A 199 0.29 -10.60 -5.74
C ALA A 199 -0.32 -11.09 -7.04
N LEU A 200 -1.35 -10.39 -7.49
CA LEU A 200 -2.03 -10.73 -8.74
C LEU A 200 -1.07 -10.69 -9.92
N ILE A 201 -0.28 -9.62 -10.04
CA ILE A 201 0.68 -9.46 -11.12
C ILE A 201 1.61 -10.69 -11.15
N ASP A 202 1.99 -11.21 -9.98
CA ASP A 202 2.88 -12.37 -9.91
C ASP A 202 2.20 -13.60 -10.50
N ALA A 203 0.96 -13.85 -10.14
CA ALA A 203 0.26 -15.03 -10.63
C ALA A 203 0.07 -14.99 -12.15
N LEU A 204 -0.15 -13.79 -12.71
CA LEU A 204 -0.23 -13.60 -14.15
C LEU A 204 1.10 -13.93 -14.82
N ILE A 205 2.17 -13.38 -14.26
CA ILE A 205 3.50 -13.55 -14.82
C ILE A 205 3.80 -15.05 -14.90
N GLU A 206 3.47 -15.76 -13.81
CA GLU A 206 3.80 -17.16 -13.67
C GLU A 206 2.89 -18.04 -14.52
N ALA A 207 1.78 -17.49 -15.03
CA ALA A 207 0.98 -18.25 -15.98
C ALA A 207 1.60 -18.22 -17.38
N HIS A 208 2.51 -17.26 -17.67
CA HIS A 208 3.32 -17.25 -18.89
C HIS A 208 4.46 -18.28 -18.86
N GLU A 209 4.52 -19.09 -17.80
CA GLU A 209 5.55 -20.16 -17.72
C GLU A 209 4.92 -21.43 -17.10
N ARG A 213 1.13 -20.41 -21.12
CA ARG A 213 -0.35 -20.43 -21.24
C ARG A 213 -0.81 -19.01 -21.61
N LEU A 214 -0.01 -17.99 -21.32
CA LEU A 214 -0.29 -16.68 -21.84
C LEU A 214 0.91 -16.30 -22.68
N SER A 215 0.70 -15.71 -23.86
CA SER A 215 1.81 -15.15 -24.63
C SER A 215 2.20 -13.82 -24.02
N GLU A 216 3.34 -13.29 -24.48
CA GLU A 216 3.86 -12.01 -24.04
C GLU A 216 2.77 -10.95 -24.15
N ALA A 217 2.30 -10.74 -25.36
CA ALA A 217 1.35 -9.67 -25.61
C ALA A 217 0.03 -9.95 -24.90
N GLU A 218 -0.27 -11.23 -24.66
CA GLU A 218 -1.47 -11.59 -23.92
C GLU A 218 -1.37 -11.09 -22.48
N LEU A 219 -0.27 -11.41 -21.79
CA LEU A 219 -0.07 -11.05 -20.40
C LEU A 219 -0.10 -9.54 -20.25
N VAL A 220 0.67 -8.83 -21.08
CA VAL A 220 0.72 -7.38 -21.02
C VAL A 220 -0.67 -6.79 -21.17
N HIS A 221 -1.40 -7.17 -22.24
CA HIS A 221 -2.69 -6.57 -22.55
C HIS A 221 -3.74 -6.98 -21.52
N LEU A 222 -3.71 -8.23 -21.05
CA LEU A 222 -4.58 -8.69 -19.98
C LEU A 222 -4.34 -7.87 -18.72
N THR A 223 -3.07 -7.72 -18.31
CA THR A 223 -2.74 -6.87 -17.17
C THR A 223 -3.32 -5.46 -17.36
N VAL A 224 -3.12 -4.85 -18.55
CA VAL A 224 -3.59 -3.50 -18.77
C VAL A 224 -5.11 -3.48 -18.59
N MET A 225 -5.77 -4.51 -19.10
CA MET A 225 -7.23 -4.52 -19.13
C MET A 225 -7.79 -4.75 -17.74
N LEU A 226 -7.10 -5.55 -16.93
CA LEU A 226 -7.58 -5.82 -15.59
C LEU A 226 -7.59 -4.50 -14.81
N ILE A 227 -6.56 -3.70 -15.01
CA ILE A 227 -6.45 -2.43 -14.30
C ILE A 227 -7.56 -1.50 -14.76
N MET A 228 -7.72 -1.35 -16.07
CA MET A 228 -8.76 -0.47 -16.61
C MET A 228 -10.16 -0.97 -16.21
N ALA A 229 -10.45 -2.24 -16.50
CA ALA A 229 -11.74 -2.84 -16.17
C ALA A 229 -12.10 -2.63 -14.70
N GLY A 230 -11.18 -2.97 -13.80
CA GLY A 230 -11.52 -2.98 -12.38
C GLY A 230 -11.53 -1.57 -11.75
N TYR A 231 -11.30 -0.53 -12.54
CA TYR A 231 -11.31 0.85 -12.00
C TYR A 231 -12.54 1.60 -12.45
N GLU A 232 -12.72 1.79 -13.75
CA GLU A 232 -13.82 2.65 -14.26
C GLU A 232 -15.22 2.13 -13.91
N THR A 233 -15.48 0.84 -14.09
CA THR A 233 -16.82 0.28 -13.87
C THR A 233 -17.17 0.35 -12.41
N THR A 234 -16.29 -0.12 -11.54
CA THR A 234 -16.55 -0.15 -10.08
C THR A 234 -16.79 1.26 -9.59
N ALA A 235 -15.88 2.19 -9.89
CA ALA A 235 -16.07 3.60 -9.55
C ALA A 235 -17.42 4.12 -9.98
N GLY A 236 -17.77 3.91 -11.26
CA GLY A 236 -19.10 4.24 -11.77
C GLY A 236 -20.23 3.68 -10.89
N VAL A 237 -20.22 2.36 -10.67
CA VAL A 237 -21.33 1.70 -10.01
C VAL A 237 -21.42 2.21 -8.58
N LEU A 238 -20.27 2.43 -7.96
CA LEU A 238 -20.25 2.76 -6.54
C LEU A 238 -20.72 4.20 -6.30
N ALA A 239 -20.26 5.16 -7.13
CA ALA A 239 -20.73 6.54 -7.04
C ALA A 239 -22.25 6.59 -7.24
N ARG A 240 -22.69 5.99 -8.33
CA ARG A 240 -24.11 5.84 -8.58
C ARG A 240 -24.83 5.16 -7.42
N GLY A 241 -24.24 4.09 -6.86
CA GLY A 241 -24.99 3.32 -5.88
C GLY A 241 -25.17 4.19 -4.64
N LEU A 242 -24.08 4.87 -4.24
CA LEU A 242 -24.14 5.66 -3.04
C LEU A 242 -25.15 6.79 -3.23
N LEU A 243 -25.23 7.34 -4.44
CA LEU A 243 -26.09 8.48 -4.70
C LEU A 243 -27.55 8.06 -4.62
N THR A 244 -27.86 6.84 -5.07
CA THR A 244 -29.22 6.34 -4.95
C THR A 244 -29.52 6.03 -3.50
N LEU A 245 -28.57 5.43 -2.78
CA LEU A 245 -28.77 5.13 -1.35
C LEU A 245 -29.14 6.42 -0.62
N LEU A 246 -28.40 7.49 -0.92
CA LEU A 246 -28.60 8.75 -0.21
C LEU A 246 -29.93 9.40 -0.62
N THR A 247 -30.31 9.36 -1.90
CA THR A 247 -31.52 10.06 -2.31
C THR A 247 -32.77 9.30 -1.89
N THR A 248 -32.74 7.96 -1.93
CA THR A 248 -33.88 7.14 -1.50
C THR A 248 -33.98 7.05 0.01
N GLY A 249 -32.91 7.46 0.73
CA GLY A 249 -32.82 7.25 2.16
C GLY A 249 -32.55 5.79 2.48
N GLN A 250 -32.08 4.98 1.52
CA GLN A 250 -31.90 3.56 1.82
C GLN A 250 -30.53 3.32 2.45
N TYR A 251 -29.71 4.37 2.43
CA TYR A 251 -28.47 4.37 3.19
C TYR A 251 -28.72 4.03 4.65
N ARG A 252 -29.75 4.67 5.22
CA ARG A 252 -30.10 4.49 6.63
C ARG A 252 -30.48 3.03 6.90
N THR A 253 -31.11 2.37 5.94
CA THR A 253 -31.53 0.98 6.11
C THR A 253 -30.32 0.09 6.37
N LEU A 254 -29.17 0.44 5.74
CA LEU A 254 -27.95 -0.36 5.82
C LEU A 254 -27.20 -0.09 7.13
N VAL A 255 -27.27 1.14 7.58
CA VAL A 255 -26.75 1.53 8.90
C VAL A 255 -27.47 0.73 10.01
N GLU A 256 -28.81 0.70 9.99
CA GLU A 256 -29.62 0.05 11.02
C GLU A 256 -29.64 -1.47 10.87
N GLU A 257 -29.60 -1.98 9.62
CA GLU A 257 -29.62 -3.41 9.34
C GLU A 257 -28.46 -3.85 8.44
N PRO A 258 -27.19 -3.83 8.91
CA PRO A 258 -26.05 -4.15 8.05
C PRO A 258 -26.13 -5.49 7.30
N ALA A 259 -26.94 -6.43 7.78
CA ALA A 259 -27.13 -7.70 7.09
C ALA A 259 -27.76 -7.53 5.70
N VAL A 260 -28.34 -6.35 5.40
CA VAL A 260 -28.98 -6.07 4.12
C VAL A 260 -27.95 -5.66 3.07
N ILE A 261 -26.70 -5.43 3.47
CA ILE A 261 -25.70 -4.96 2.53
C ILE A 261 -25.55 -5.88 1.30
N PRO A 262 -25.53 -7.23 1.42
CA PRO A 262 -25.43 -8.10 0.26
C PRO A 262 -26.50 -7.86 -0.82
N THR A 263 -27.76 -7.72 -0.41
CA THR A 263 -28.80 -7.59 -1.40
C THR A 263 -28.75 -6.16 -1.97
N ALA A 264 -28.37 -5.20 -1.15
CA ALA A 264 -28.17 -3.83 -1.61
C ALA A 264 -27.11 -3.80 -2.72
N VAL A 265 -26.03 -4.56 -2.56
CA VAL A 265 -24.99 -4.60 -3.57
C VAL A 265 -25.56 -5.10 -4.90
N GLU A 266 -26.31 -6.22 -4.84
CA GLU A 266 -26.97 -6.78 -6.02
C GLU A 266 -27.95 -5.79 -6.64
N GLU A 267 -28.79 -5.14 -5.83
CA GLU A 267 -29.75 -4.18 -6.32
C GLU A 267 -29.05 -2.95 -6.93
N ILE A 268 -27.91 -2.55 -6.39
CA ILE A 268 -27.17 -1.44 -6.96
C ILE A 268 -26.64 -1.85 -8.32
N LEU A 269 -26.20 -3.11 -8.43
CA LEU A 269 -25.59 -3.57 -9.67
C LEU A 269 -26.66 -3.57 -10.77
N ARG A 270 -27.87 -4.02 -10.37
CA ARG A 270 -29.02 -4.12 -11.24
C ARG A 270 -29.43 -2.73 -11.73
N TYR A 271 -29.59 -1.81 -10.78
CA TYR A 271 -30.22 -0.53 -11.02
C TYR A 271 -29.20 0.45 -11.61
N GLU A 272 -27.91 0.26 -11.27
CA GLU A 272 -26.94 1.28 -11.59
C GLU A 272 -26.00 0.81 -12.70
N ALA A 273 -26.29 -0.32 -13.35
CA ALA A 273 -25.48 -0.76 -14.49
C ALA A 273 -24.96 0.46 -15.26
N PRO A 274 -23.63 0.64 -15.40
CA PRO A 274 -23.07 1.94 -15.75
C PRO A 274 -23.23 2.34 -17.21
N SER A 275 -23.44 1.33 -18.07
CA SER A 275 -23.65 1.58 -19.49
C SER A 275 -25.06 1.14 -19.88
N ASP A 276 -25.60 1.81 -20.90
CA ASP A 276 -26.89 1.49 -21.48
C ASP A 276 -26.69 0.56 -22.68
N GLY A 277 -25.44 0.32 -23.02
CA GLY A 277 -25.05 -0.37 -24.24
C GLY A 277 -24.29 -1.64 -23.88
N GLY A 278 -23.55 -2.17 -24.85
CA GLY A 278 -22.82 -3.41 -24.65
C GLY A 278 -22.02 -3.75 -25.89
N LEU A 279 -20.95 -4.54 -25.72
CA LEU A 279 -20.14 -4.98 -26.85
C LEU A 279 -21.01 -5.75 -27.83
N LEU A 280 -20.94 -5.35 -29.10
CA LEU A 280 -21.71 -5.98 -30.15
C LEU A 280 -21.45 -7.49 -30.21
N ARG A 281 -22.50 -8.26 -30.53
CA ARG A 281 -22.32 -9.66 -30.90
C ARG A 281 -22.73 -9.87 -32.37
N MET A 282 -21.85 -10.54 -33.13
CA MET A 282 -22.12 -10.91 -34.51
C MET A 282 -22.62 -12.35 -34.59
N PRO A 283 -23.84 -12.57 -35.10
CA PRO A 283 -24.31 -13.92 -35.35
C PRO A 283 -23.60 -14.53 -36.57
N THR A 284 -23.16 -15.78 -36.41
CA THR A 284 -22.43 -16.50 -37.45
C THR A 284 -23.42 -17.24 -38.28
N LYS A 285 -24.64 -17.22 -38.01
CA LYS A 285 -25.73 -17.82 -38.80
C LYS A 285 -27.04 -17.22 -38.28
N ASP A 286 -28.19 -17.57 -38.81
CA ASP A 286 -29.50 -17.04 -38.40
C ASP A 286 -29.80 -17.63 -37.02
N VAL A 287 -30.11 -16.77 -36.06
CA VAL A 287 -30.35 -17.22 -34.69
C VAL A 287 -31.75 -16.77 -34.30
N ARG A 288 -32.48 -17.72 -33.70
CA ARG A 288 -33.77 -17.47 -33.08
C ARG A 288 -33.57 -17.07 -31.62
N LEU A 289 -33.92 -15.82 -31.29
CA LEU A 289 -33.99 -15.39 -29.92
C LEU A 289 -35.45 -15.51 -29.53
N PRO A 290 -35.81 -15.39 -28.23
CA PRO A 290 -37.21 -15.40 -27.80
C PRO A 290 -38.17 -14.42 -28.49
N SER A 291 -37.68 -13.23 -28.86
CA SER A 291 -38.55 -12.21 -29.42
C SER A 291 -38.49 -12.20 -30.94
N GLY A 292 -37.61 -13.01 -31.57
CA GLY A 292 -37.52 -13.03 -33.03
C GLY A 292 -36.18 -13.56 -33.55
N VAL A 293 -36.11 -13.72 -34.88
CA VAL A 293 -34.94 -14.26 -35.54
C VAL A 293 -34.04 -13.09 -35.93
N VAL A 294 -32.74 -13.25 -35.71
CA VAL A 294 -31.79 -12.25 -36.16
C VAL A 294 -30.84 -12.93 -37.16
N GLY A 295 -30.53 -12.22 -38.25
CA GLY A 295 -29.90 -12.80 -39.42
C GLY A 295 -28.39 -12.92 -39.24
N GLU A 296 -27.79 -13.86 -39.97
CA GLU A 296 -26.35 -14.00 -40.01
C GLU A 296 -25.72 -12.70 -40.49
N GLY A 297 -24.65 -12.27 -39.81
CA GLY A 297 -23.88 -11.10 -40.20
C GLY A 297 -24.54 -9.79 -39.80
N GLN A 298 -25.57 -9.85 -38.94
CA GLN A 298 -26.26 -8.64 -38.52
C GLN A 298 -26.07 -8.48 -37.02
N ALA A 299 -25.16 -7.55 -36.65
CA ALA A 299 -24.67 -7.44 -35.29
C ALA A 299 -25.81 -7.10 -34.33
N VAL A 300 -25.74 -7.60 -33.08
CA VAL A 300 -26.70 -7.22 -32.04
C VAL A 300 -25.97 -6.51 -30.91
N MET A 301 -26.53 -5.41 -30.38
CA MET A 301 -26.06 -4.83 -29.13
C MET A 301 -26.83 -5.41 -27.94
N PRO A 302 -26.20 -6.06 -26.94
CA PRO A 302 -26.94 -6.47 -25.76
C PRO A 302 -27.00 -5.32 -24.75
N SER A 303 -28.21 -4.84 -24.43
CA SER A 303 -28.37 -3.80 -23.38
C SER A 303 -28.74 -4.48 -22.07
N MET A 304 -27.72 -4.76 -21.26
CA MET A 304 -27.95 -5.41 -19.96
C MET A 304 -28.67 -4.43 -19.03
N ALA A 305 -28.55 -3.13 -19.32
CA ALA A 305 -29.19 -2.13 -18.47
C ALA A 305 -30.71 -2.19 -18.66
N ALA A 306 -31.12 -2.31 -19.94
CA ALA A 306 -32.50 -2.52 -20.30
C ALA A 306 -33.01 -3.86 -19.76
N ALA A 307 -32.21 -4.93 -19.91
CA ALA A 307 -32.63 -6.23 -19.40
C ALA A 307 -32.90 -6.17 -17.91
N ASN A 308 -32.14 -5.31 -17.20
CA ASN A 308 -32.21 -5.20 -15.75
C ASN A 308 -33.52 -4.52 -15.28
N ARG A 309 -34.23 -3.83 -16.17
CA ARG A 309 -35.47 -3.14 -15.83
C ARG A 309 -36.63 -3.72 -16.62
N ASP A 310 -36.62 -5.02 -16.77
CA ASP A 310 -37.61 -5.73 -17.57
C ASP A 310 -38.68 -6.29 -16.63
N PRO A 311 -39.95 -5.82 -16.71
CA PRO A 311 -41.01 -6.27 -15.82
C PRO A 311 -41.37 -7.76 -15.93
N GLU A 312 -40.96 -8.42 -17.03
CA GLU A 312 -41.09 -9.86 -17.18
C GLU A 312 -40.26 -10.60 -16.13
N VAL A 313 -39.19 -9.97 -15.63
CA VAL A 313 -38.30 -10.70 -14.73
C VAL A 313 -38.32 -10.07 -13.34
N PHE A 314 -38.30 -8.73 -13.31
CA PHE A 314 -38.19 -7.96 -12.09
C PHE A 314 -39.49 -7.21 -11.82
N THR A 315 -40.22 -7.64 -10.79
CA THR A 315 -41.43 -6.95 -10.36
C THR A 315 -41.07 -5.50 -10.05
N ASP A 316 -41.86 -4.54 -10.55
CA ASP A 316 -41.64 -3.14 -10.24
C ASP A 316 -40.20 -2.77 -10.58
N PRO A 317 -39.80 -2.88 -11.85
CA PRO A 317 -38.40 -2.76 -12.22
C PRO A 317 -37.79 -1.38 -11.96
N GLU A 318 -38.63 -0.33 -11.94
CA GLU A 318 -38.13 1.04 -11.82
C GLU A 318 -37.99 1.45 -10.35
N THR A 319 -38.40 0.58 -9.42
CA THR A 319 -38.18 0.83 -7.99
C THR A 319 -36.83 0.29 -7.51
N PHE A 320 -36.02 1.15 -6.83
CA PHE A 320 -34.81 0.80 -6.10
C PHE A 320 -35.14 0.25 -4.72
N ASP A 321 -34.81 -1.00 -4.46
CA ASP A 321 -35.13 -1.64 -3.20
C ASP A 321 -33.95 -2.51 -2.74
N VAL A 322 -33.26 -2.09 -1.66
CA VAL A 322 -32.09 -2.81 -1.18
C VAL A 322 -32.46 -4.18 -0.61
N ARG A 323 -33.75 -4.45 -0.41
CA ARG A 323 -34.17 -5.72 0.14
C ARG A 323 -34.59 -6.70 -0.95
N ARG A 324 -34.46 -6.30 -2.23
CA ARG A 324 -34.98 -7.09 -3.34
C ARG A 324 -34.33 -8.47 -3.31
N ALA A 325 -35.16 -9.52 -3.20
CA ALA A 325 -34.65 -10.87 -2.95
C ALA A 325 -34.30 -11.54 -4.27
N LYS A 326 -35.16 -11.38 -5.29
CA LYS A 326 -34.96 -11.98 -6.61
C LYS A 326 -34.25 -10.95 -7.50
N CYS A 327 -32.95 -11.18 -7.77
CA CYS A 327 -32.16 -10.16 -8.46
C CYS A 327 -31.16 -10.80 -9.42
N PRO A 328 -31.59 -11.57 -10.44
CA PRO A 328 -30.63 -12.13 -11.38
C PRO A 328 -30.24 -11.10 -12.44
N HIS A 329 -29.52 -10.05 -12.07
CA HIS A 329 -29.18 -9.01 -13.02
C HIS A 329 -28.06 -9.53 -13.95
N LEU A 330 -27.79 -8.75 -15.01
CA LEU A 330 -26.84 -9.13 -16.06
C LEU A 330 -25.72 -8.11 -16.11
N THR A 331 -25.51 -7.44 -14.98
CA THR A 331 -24.62 -6.30 -14.93
C THR A 331 -23.17 -6.76 -15.06
N PHE A 332 -22.91 -8.03 -14.75
CA PHE A 332 -21.63 -8.65 -15.02
C PHE A 332 -21.66 -9.40 -16.35
N GLY A 333 -22.69 -9.19 -17.15
CA GLY A 333 -22.80 -9.91 -18.40
C GLY A 333 -23.17 -11.35 -18.16
N GLN A 334 -22.91 -12.20 -19.15
CA GLN A 334 -23.29 -13.63 -19.04
C GLN A 334 -22.57 -14.44 -20.12
N GLY A 335 -22.50 -15.76 -19.94
CA GLY A 335 -21.85 -16.67 -20.86
C GLY A 335 -20.33 -16.57 -20.73
N ALA A 336 -19.67 -16.60 -21.87
CA ALA A 336 -18.23 -16.81 -21.92
C ALA A 336 -17.44 -15.57 -21.52
N HIS A 337 -17.99 -14.36 -21.84
CA HIS A 337 -17.32 -13.09 -21.57
C HIS A 337 -17.76 -12.53 -20.20
N TYR A 338 -18.52 -13.29 -19.42
CA TYR A 338 -18.92 -12.92 -18.08
C TYR A 338 -17.75 -12.29 -17.33
N CYS A 339 -18.02 -11.22 -16.61
CA CYS A 339 -16.93 -10.41 -16.08
C CYS A 339 -15.95 -11.26 -15.26
N ALA A 340 -14.67 -11.14 -15.60
CA ALA A 340 -13.64 -11.94 -14.98
C ALA A 340 -13.43 -11.51 -13.52
N GLY A 341 -13.69 -10.23 -13.22
CA GLY A 341 -13.43 -9.69 -11.89
C GLY A 341 -14.70 -9.59 -11.05
N ALA A 342 -15.74 -10.32 -11.44
CA ALA A 342 -17.03 -10.26 -10.77
C ALA A 342 -16.93 -10.39 -9.24
N ASN A 343 -16.15 -11.40 -8.75
CA ASN A 343 -16.05 -11.64 -7.32
C ASN A 343 -15.32 -10.50 -6.59
N LEU A 344 -14.30 -9.92 -7.22
CA LEU A 344 -13.57 -8.82 -6.60
C LEU A 344 -14.49 -7.59 -6.52
N ALA A 345 -15.20 -7.33 -7.62
CA ALA A 345 -16.03 -6.14 -7.69
C ALA A 345 -17.12 -6.15 -6.61
N ARG A 346 -17.84 -7.26 -6.50
CA ARG A 346 -18.92 -7.44 -5.54
C ARG A 346 -18.40 -7.24 -4.13
N HIS A 347 -17.18 -7.72 -3.87
CA HIS A 347 -16.53 -7.61 -2.57
C HIS A 347 -16.11 -6.17 -2.31
N GLU A 348 -15.52 -5.50 -3.32
CA GLU A 348 -15.21 -4.08 -3.20
C GLU A 348 -16.46 -3.33 -2.78
N LEU A 349 -17.58 -3.59 -3.46
CA LEU A 349 -18.81 -2.87 -3.17
C LEU A 349 -19.30 -3.11 -1.73
N GLN A 350 -19.31 -4.37 -1.31
CA GLN A 350 -19.76 -4.74 0.03
C GLN A 350 -18.92 -4.02 1.10
N VAL A 351 -17.60 -4.22 1.11
CA VAL A 351 -16.69 -3.58 2.07
C VAL A 351 -16.78 -2.05 2.01
N ALA A 352 -16.93 -1.48 0.80
CA ALA A 352 -17.13 -0.05 0.68
C ALA A 352 -18.35 0.39 1.51
N LEU A 353 -19.50 -0.24 1.28
CA LEU A 353 -20.71 0.09 2.00
C LEU A 353 -20.61 -0.23 3.49
N GLU A 354 -19.95 -1.35 3.82
CA GLU A 354 -19.79 -1.75 5.20
C GLU A 354 -18.98 -0.71 5.96
N THR A 355 -17.86 -0.29 5.40
CA THR A 355 -16.99 0.59 6.15
C THR A 355 -17.62 1.97 6.25
N LEU A 356 -18.22 2.44 5.15
CA LEU A 356 -18.69 3.81 5.11
C LEU A 356 -19.91 3.98 6.01
N THR A 357 -20.79 2.98 6.10
CA THR A 357 -21.97 3.04 6.95
C THR A 357 -21.61 2.88 8.42
N ARG A 358 -20.53 2.15 8.71
CA ARG A 358 -20.01 2.03 10.06
C ARG A 358 -19.33 3.32 10.52
N ARG A 359 -18.46 3.89 9.67
CA ARG A 359 -17.72 5.07 10.06
C ARG A 359 -18.57 6.34 9.95
N LEU A 360 -19.47 6.44 8.96
CA LEU A 360 -20.30 7.63 8.84
C LEU A 360 -21.77 7.24 8.68
N PRO A 361 -22.45 6.85 9.78
CA PRO A 361 -23.87 6.50 9.72
C PRO A 361 -24.81 7.66 9.35
N ASP A 362 -24.43 8.89 9.64
CA ASP A 362 -25.36 9.99 9.50
C ASP A 362 -25.04 10.72 8.21
N LEU A 363 -24.39 10.01 7.29
CA LEU A 363 -24.09 10.53 5.97
C LEU A 363 -25.38 10.90 5.22
N ARG A 364 -25.29 12.00 4.44
CA ARG A 364 -26.40 12.54 3.70
C ARG A 364 -25.88 13.47 2.61
N LEU A 365 -26.69 13.59 1.54
CA LEU A 365 -26.35 14.43 0.40
C LEU A 365 -26.34 15.89 0.86
N ALA A 366 -25.32 16.63 0.44
CA ALA A 366 -25.15 18.01 0.86
C ALA A 366 -25.81 18.99 -0.10
N VAL A 367 -26.37 18.50 -1.22
CA VAL A 367 -27.18 19.30 -2.16
C VAL A 367 -28.45 18.50 -2.52
N GLU A 368 -29.36 19.13 -3.29
CA GLU A 368 -30.50 18.39 -3.82
C GLU A 368 -30.06 17.60 -5.06
N PRO A 369 -30.60 16.37 -5.26
CA PRO A 369 -30.20 15.53 -6.38
C PRO A 369 -30.05 16.26 -7.72
N THR A 370 -31.00 17.14 -8.01
CA THR A 370 -31.15 17.77 -9.32
C THR A 370 -30.02 18.75 -9.62
N GLU A 371 -29.18 19.10 -8.63
CA GLU A 371 -28.03 19.97 -8.84
C GLU A 371 -26.76 19.20 -9.22
N ILE A 372 -26.77 17.88 -9.00
CA ILE A 372 -25.60 17.02 -9.32
C ILE A 372 -25.48 16.90 -10.85
N GLU A 373 -24.25 16.96 -11.35
CA GLU A 373 -23.99 16.91 -12.81
C GLU A 373 -23.50 15.51 -13.19
N TRP A 374 -23.83 15.06 -14.39
CA TRP A 374 -23.40 13.75 -14.84
C TRP A 374 -22.43 13.86 -16.01
N ARG A 375 -21.58 12.84 -16.17
CA ARG A 375 -20.57 12.84 -17.21
C ARG A 375 -21.29 12.85 -18.56
N LYS A 376 -20.79 13.66 -19.50
CA LYS A 376 -21.42 13.82 -20.81
C LYS A 376 -20.54 13.21 -21.88
N GLY A 377 -21.10 12.24 -22.65
CA GLY A 377 -20.33 11.49 -23.64
C GLY A 377 -19.62 10.30 -23.00
N LEU A 378 -18.81 9.59 -23.79
CA LEU A 378 -17.95 8.51 -23.32
C LEU A 378 -18.76 7.30 -22.86
N LEU A 379 -20.03 7.18 -23.30
CA LEU A 379 -20.92 6.03 -23.07
C LEU A 379 -21.29 5.73 -21.62
N LEU A 380 -20.29 5.37 -20.80
CA LEU A 380 -20.45 5.09 -19.39
C LEU A 380 -21.02 6.34 -18.76
N ARG A 381 -22.06 6.15 -17.91
CA ARG A 381 -22.79 7.24 -17.28
C ARG A 381 -22.55 7.20 -15.76
N GLY A 382 -22.37 8.39 -15.19
CA GLY A 382 -22.14 8.50 -13.75
C GLY A 382 -22.11 9.95 -13.29
N PRO A 383 -22.37 10.24 -12.00
CA PRO A 383 -22.38 11.61 -11.51
C PRO A 383 -20.98 12.21 -11.47
N LEU A 384 -20.85 13.53 -11.67
CA LEU A 384 -19.52 14.11 -11.73
C LEU A 384 -18.96 14.30 -10.32
N THR A 385 -19.88 14.55 -9.36
CA THR A 385 -19.56 14.72 -7.94
C THR A 385 -20.74 14.19 -7.13
N VAL A 386 -20.46 13.73 -5.90
CA VAL A 386 -21.47 13.33 -4.94
C VAL A 386 -21.16 14.05 -3.63
N PRO A 387 -21.61 15.30 -3.47
CA PRO A 387 -21.33 16.01 -2.22
C PRO A 387 -22.14 15.45 -1.05
N VAL A 388 -21.45 15.17 0.05
CA VAL A 388 -22.15 14.73 1.25
C VAL A 388 -21.67 15.51 2.46
N THR A 389 -22.46 15.42 3.54
CA THR A 389 -22.10 15.95 4.84
C THR A 389 -22.70 15.06 5.93
N TRP A 390 -22.41 15.35 7.22
CA TRP A 390 -22.95 14.59 8.34
C TRP A 390 -22.95 15.39 9.66
N ILE B 1 29.92 11.45 21.46
CA ILE B 1 30.78 11.92 20.32
C ILE B 1 29.99 11.76 19.02
N PHE B 2 29.85 12.85 18.24
CA PHE B 2 28.98 12.83 17.06
C PHE B 2 29.51 13.82 16.02
N THR B 3 30.84 13.85 15.83
CA THR B 3 31.46 14.82 14.94
C THR B 3 31.56 14.23 13.52
N PRO B 4 31.76 15.06 12.46
CA PRO B 4 31.85 14.52 11.10
C PRO B 4 32.93 13.45 10.89
N ARG B 5 32.56 12.39 10.14
CA ARG B 5 33.49 11.38 9.66
C ARG B 5 33.15 11.04 8.21
N PRO B 6 34.15 10.86 7.32
CA PRO B 6 33.85 10.73 5.88
C PRO B 6 33.21 9.40 5.49
N ASP B 7 33.08 8.49 6.46
CA ASP B 7 32.74 7.09 6.25
C ASP B 7 32.06 6.57 7.52
N GLY B 8 31.90 5.23 7.61
CA GLY B 8 31.21 4.59 8.71
C GLY B 8 32.16 3.96 9.74
N SER B 9 33.48 4.00 9.48
CA SER B 9 34.51 3.58 10.40
C SER B 9 34.34 4.21 11.79
N PRO B 10 34.57 3.47 12.90
CA PRO B 10 34.40 4.03 14.23
C PRO B 10 35.39 5.13 14.59
N PRO B 11 35.07 6.03 15.55
CA PRO B 11 36.09 6.89 16.12
C PRO B 11 37.19 6.07 16.75
N PRO B 12 38.49 6.31 16.44
CA PRO B 12 39.56 5.53 17.05
C PRO B 12 39.69 5.70 18.58
N GLU B 13 39.05 6.75 19.12
CA GLU B 13 38.93 6.98 20.55
C GLU B 13 38.30 5.75 21.24
N PHE B 14 37.46 5.02 20.49
CA PHE B 14 36.76 3.86 21.03
C PHE B 14 37.74 2.77 21.45
N ALA B 15 38.73 2.49 20.59
CA ALA B 15 39.66 1.42 20.87
C ALA B 15 40.54 1.80 22.06
N GLU B 16 40.93 3.09 22.12
CA GLU B 16 41.79 3.56 23.19
C GLU B 16 40.99 3.59 24.49
N ARG B 17 39.73 4.03 24.48
CA ARG B 17 38.94 4.01 25.69
C ARG B 17 38.70 2.56 26.13
N ARG B 18 38.57 1.63 25.21
CA ARG B 18 38.27 0.27 25.64
C ARG B 18 39.52 -0.36 26.24
N ALA B 19 40.69 0.10 25.74
CA ALA B 19 41.97 -0.44 26.18
C ALA B 19 42.27 0.00 27.62
N GLY B 20 42.20 1.31 27.90
CA GLY B 20 42.70 1.89 29.15
C GLY B 20 41.81 2.93 29.82
N ALA B 21 40.62 3.25 29.28
CA ALA B 21 39.83 4.34 29.86
C ALA B 21 38.34 4.07 29.68
N PRO B 22 37.88 2.95 30.25
CA PRO B 22 36.56 2.45 29.93
C PRO B 22 35.43 3.40 30.30
N LEU B 23 35.53 4.13 31.43
CA LEU B 23 34.41 4.91 31.96
C LEU B 23 34.82 6.37 32.11
N ALA B 24 35.28 6.99 31.02
CA ALA B 24 35.84 8.33 31.09
C ALA B 24 34.90 9.38 30.53
N PRO B 25 34.98 10.64 30.99
CA PRO B 25 34.09 11.69 30.49
C PRO B 25 34.10 11.81 28.97
N VAL B 26 32.97 12.17 28.40
CA VAL B 26 32.99 12.57 27.01
C VAL B 26 32.11 13.79 26.95
N THR B 27 32.47 14.72 26.05
CA THR B 27 31.69 15.93 25.81
C THR B 27 30.74 15.65 24.65
N MET B 28 29.49 16.07 24.79
CA MET B 28 28.47 15.81 23.79
C MET B 28 28.21 17.07 22.97
N PRO B 29 27.41 16.99 21.88
CA PRO B 29 27.15 18.16 21.04
C PRO B 29 26.66 19.39 21.81
N SER B 30 25.80 19.12 22.80
CA SER B 30 25.22 20.10 23.71
C SER B 30 26.26 20.96 24.42
N GLY B 31 27.49 20.46 24.54
CA GLY B 31 28.51 21.09 25.36
C GLY B 31 28.67 20.38 26.71
N ASP B 32 27.71 19.55 27.09
CA ASP B 32 27.68 18.88 28.40
C ASP B 32 28.49 17.60 28.37
N GLU B 33 28.83 17.07 29.55
CA GLU B 33 29.61 15.85 29.67
C GLU B 33 28.77 14.69 30.22
N ALA B 34 29.22 13.47 29.90
CA ALA B 34 28.72 12.23 30.48
C ALA B 34 29.85 11.20 30.54
N THR B 35 29.71 10.15 31.37
CA THR B 35 30.61 9.00 31.30
C THR B 35 30.31 8.18 30.05
N LEU B 36 31.32 7.81 29.26
CA LEU B 36 31.11 7.07 28.04
C LEU B 36 31.49 5.62 28.32
N ALA B 37 30.50 4.74 28.39
CA ALA B 37 30.80 3.34 28.51
C ALA B 37 30.97 2.73 27.11
N VAL B 38 32.11 2.07 26.89
CA VAL B 38 32.48 1.47 25.62
C VAL B 38 32.72 -0.05 25.73
N ARG B 39 33.10 -0.60 26.87
CA ARG B 39 33.31 -2.05 26.93
C ARG B 39 31.99 -2.81 26.98
N TYR B 40 31.88 -3.91 26.25
CA TYR B 40 30.63 -4.65 26.24
C TYR B 40 30.12 -4.93 27.66
N ALA B 41 31.00 -5.30 28.59
CA ALA B 41 30.50 -5.71 29.90
C ALA B 41 29.87 -4.51 30.60
N ASP B 42 30.43 -3.32 30.37
CA ASP B 42 29.90 -2.13 31.00
C ASP B 42 28.58 -1.72 30.36
N VAL B 43 28.50 -1.79 29.03
CA VAL B 43 27.32 -1.33 28.33
C VAL B 43 26.10 -2.20 28.67
N HIS B 44 26.31 -3.50 28.62
CA HIS B 44 25.34 -4.50 29.05
C HIS B 44 24.81 -4.11 30.41
N GLU B 45 25.70 -3.93 31.38
CA GLU B 45 25.25 -3.66 32.72
C GLU B 45 24.43 -2.37 32.76
N VAL B 46 24.93 -1.31 32.09
CA VAL B 46 24.28 -0.01 32.12
C VAL B 46 22.86 -0.13 31.61
N LEU B 47 22.66 -0.95 30.56
CA LEU B 47 21.34 -1.14 29.95
C LEU B 47 20.44 -2.05 30.80
N THR B 48 21.00 -3.03 31.56
CA THR B 48 20.13 -4.02 32.19
C THR B 48 19.86 -3.70 33.67
N SER B 49 20.75 -2.96 34.34
CA SER B 49 20.67 -2.70 35.77
C SER B 49 19.43 -1.87 36.11
N PRO B 50 18.67 -2.21 37.17
CA PRO B 50 17.54 -1.38 37.61
C PRO B 50 17.94 -0.12 38.37
N ASP B 51 19.24 0.11 38.50
CA ASP B 51 19.75 1.23 39.26
C ASP B 51 19.99 2.42 38.34
N PHE B 52 19.57 2.35 37.08
CA PHE B 52 19.71 3.53 36.22
C PHE B 52 18.32 3.99 35.83
N SER B 53 18.16 5.31 35.66
CA SER B 53 16.90 5.92 35.28
C SER B 53 17.03 6.63 33.92
N ARG B 54 15.98 6.57 33.08
CA ARG B 54 15.85 7.40 31.88
C ARG B 54 15.12 8.71 32.21
N ALA B 55 14.06 8.57 33.01
CA ALA B 55 13.17 9.66 33.34
C ALA B 55 13.93 10.82 33.97
N ALA B 56 14.96 10.50 34.76
CA ALA B 56 15.68 11.53 35.49
C ALA B 56 16.44 12.46 34.54
N LEU B 57 16.53 12.11 33.24
CA LEU B 57 17.23 12.96 32.27
C LEU B 57 16.36 14.16 31.91
N LEU B 58 15.08 14.12 32.32
CA LEU B 58 14.13 15.20 32.12
C LEU B 58 14.32 16.36 33.10
N ALA B 59 14.71 16.07 34.35
CA ALA B 59 15.09 17.08 35.31
C ALA B 59 15.87 18.20 34.62
N PRO B 60 15.59 19.49 34.92
CA PRO B 60 16.18 20.60 34.15
C PRO B 60 17.70 20.75 34.28
N GLU B 61 18.30 20.16 35.32
CA GLU B 61 19.73 20.27 35.57
C GLU B 61 20.52 19.10 34.98
N ALA B 62 19.84 18.13 34.35
CA ALA B 62 20.51 16.93 33.85
C ALA B 62 21.19 17.23 32.51
N PRO B 63 22.28 16.51 32.19
CA PRO B 63 22.97 16.66 30.92
C PRO B 63 22.15 16.17 29.71
N ARG B 64 22.32 16.88 28.59
CA ARG B 64 21.62 16.50 27.35
C ARG B 64 22.67 16.21 26.26
N ILE B 65 22.26 15.54 25.19
CA ILE B 65 23.18 15.22 24.06
C ILE B 65 23.08 16.36 23.05
N LEU B 66 21.86 16.78 22.75
CA LEU B 66 21.66 17.84 21.73
C LEU B 66 21.33 19.17 22.40
N PRO B 67 21.69 20.31 21.81
CA PRO B 67 21.36 21.62 22.35
C PRO B 67 19.97 22.16 21.97
N GLY B 68 18.92 21.52 22.50
CA GLY B 68 17.55 21.99 22.34
C GLY B 68 16.71 21.04 21.48
N GLU B 69 15.50 20.69 21.96
CA GLU B 69 14.56 19.90 21.17
C GLU B 69 13.24 19.78 21.93
N GLU B 70 12.24 19.12 21.30
CA GLU B 70 10.93 18.93 21.90
C GLU B 70 10.70 17.44 22.13
N PHE B 71 10.76 16.66 21.04
CA PHE B 71 10.21 15.32 21.00
C PHE B 71 10.97 14.40 21.96
N GLY B 72 12.28 14.68 22.15
CA GLY B 72 13.13 13.91 23.04
C GLY B 72 12.98 14.30 24.53
N GLU B 73 12.50 15.54 24.77
CA GLU B 73 12.25 16.06 26.10
C GLU B 73 10.80 15.79 26.53
N ASP B 74 10.05 15.13 25.65
CA ASP B 74 8.65 14.88 25.88
C ASP B 74 8.47 13.85 27.00
N PRO B 75 7.70 14.21 28.05
CA PRO B 75 7.46 13.30 29.17
C PRO B 75 6.70 12.05 28.79
N ASN B 76 5.98 12.13 27.68
CA ASN B 76 5.13 11.05 27.22
C ASN B 76 5.84 10.19 26.19
N ALA B 77 7.14 10.41 25.98
CA ALA B 77 7.92 9.54 25.11
C ALA B 77 8.30 8.27 25.88
N LEU B 78 8.06 7.08 25.28
CA LEU B 78 8.35 5.80 25.92
C LEU B 78 9.81 5.73 26.37
N THR B 79 10.74 6.31 25.59
CA THR B 79 12.14 6.28 25.92
C THR B 79 12.45 7.16 27.14
N ASN B 80 11.55 8.09 27.50
CA ASN B 80 11.76 8.99 28.61
C ASN B 80 10.98 8.52 29.85
N MET B 81 10.71 7.22 29.98
CA MET B 81 9.94 6.72 31.10
C MET B 81 10.68 5.63 31.85
N ASP B 82 10.37 5.54 33.15
CA ASP B 82 10.82 4.46 34.00
C ASP B 82 9.61 3.63 34.42
N PRO B 83 9.81 2.40 34.96
CA PRO B 83 8.73 1.68 35.62
C PRO B 83 8.08 2.56 36.69
N PRO B 84 6.78 2.40 37.05
CA PRO B 84 5.92 1.35 36.48
C PRO B 84 5.24 1.75 35.16
N ARG B 85 5.18 3.04 34.86
CA ARG B 85 4.48 3.48 33.64
C ARG B 85 5.11 2.77 32.43
N HIS B 86 6.44 2.76 32.38
CA HIS B 86 7.14 2.19 31.25
C HIS B 86 6.63 0.79 31.01
N THR B 87 6.61 -0.03 32.08
CA THR B 87 6.13 -1.42 32.06
C THR B 87 4.71 -1.51 31.52
N ARG B 88 3.79 -0.64 31.95
CA ARG B 88 2.42 -0.70 31.42
C ARG B 88 2.44 -0.63 29.88
N ILE B 89 3.11 0.41 29.34
CA ILE B 89 3.06 0.65 27.92
C ILE B 89 3.76 -0.48 27.16
N ARG B 90 4.89 -0.96 27.70
CA ARG B 90 5.60 -2.07 27.11
C ARG B 90 4.71 -3.30 27.00
N ARG B 91 3.87 -3.59 28.01
CA ARG B 91 3.08 -4.80 27.92
C ARG B 91 1.98 -4.61 26.86
N VAL B 92 1.51 -3.37 26.68
CA VAL B 92 0.59 -3.08 25.60
C VAL B 92 1.30 -3.37 24.28
N LEU B 93 2.56 -2.90 24.17
CA LEU B 93 3.34 -3.12 22.96
C LEU B 93 3.62 -4.60 22.70
N ALA B 94 3.83 -5.41 23.74
CA ALA B 94 3.97 -6.85 23.55
C ALA B 94 2.70 -7.50 23.03
N GLY B 95 1.53 -7.05 23.50
CA GLY B 95 0.26 -7.61 23.05
C GLY B 95 -0.11 -7.18 21.63
N ILE B 96 0.62 -6.19 21.08
CA ILE B 96 0.44 -5.73 19.71
C ILE B 96 1.51 -6.36 18.82
N PHE B 97 2.77 -6.28 19.24
CA PHE B 97 3.88 -6.62 18.36
C PHE B 97 4.31 -8.07 18.54
N SER B 98 3.36 -8.92 18.92
CA SER B 98 3.68 -10.30 19.27
C SER B 98 4.40 -10.97 18.09
N PRO B 99 5.18 -12.05 18.33
CA PRO B 99 5.64 -12.91 17.25
C PRO B 99 4.55 -13.36 16.27
N ARG B 100 3.31 -13.59 16.75
CA ARG B 100 2.20 -13.99 15.89
C ARG B 100 1.70 -12.83 15.03
N HIS B 101 1.56 -11.64 15.60
CA HIS B 101 1.11 -10.50 14.80
C HIS B 101 2.13 -10.17 13.71
N VAL B 102 3.44 -10.34 13.99
CA VAL B 102 4.47 -10.07 13.00
C VAL B 102 4.37 -11.09 11.85
N LYS B 103 4.13 -12.38 12.18
CA LYS B 103 3.91 -13.42 11.18
C LYS B 103 2.63 -13.17 10.36
N GLU B 104 1.70 -12.34 10.84
CA GLU B 104 0.48 -12.00 10.11
C GLU B 104 0.61 -10.67 9.35
N TRP B 105 1.80 -10.05 9.37
CA TRP B 105 2.11 -8.87 8.54
C TRP B 105 3.13 -9.24 7.46
N HIS B 106 3.63 -10.49 7.49
CA HIS B 106 4.70 -10.94 6.62
C HIS B 106 4.43 -10.60 5.16
N PRO B 107 3.25 -10.94 4.58
CA PRO B 107 3.00 -10.69 3.16
C PRO B 107 3.20 -9.22 2.74
N ARG B 108 2.87 -8.29 3.64
CA ARG B 108 2.93 -6.86 3.35
C ARG B 108 4.38 -6.37 3.30
N VAL B 109 5.26 -6.99 4.11
CA VAL B 109 6.69 -6.74 4.04
C VAL B 109 7.22 -7.22 2.68
N ALA B 110 6.90 -8.49 2.34
CA ALA B 110 7.39 -9.11 1.12
C ALA B 110 6.94 -8.31 -0.11
N ALA B 111 5.67 -7.86 -0.09
CA ALA B 111 5.02 -7.14 -1.16
C ALA B 111 5.67 -5.78 -1.45
N MET B 112 6.01 -5.02 -0.40
CA MET B 112 6.71 -3.75 -0.57
C MET B 112 8.16 -3.95 -1.02
N THR B 113 8.78 -5.06 -0.60
CA THR B 113 10.13 -5.39 -1.04
C THR B 113 10.07 -5.75 -2.54
N ASP B 114 9.20 -6.72 -2.84
CA ASP B 114 8.88 -7.14 -4.20
C ASP B 114 8.69 -5.90 -5.10
N GLU B 115 7.70 -5.07 -4.78
CA GLU B 115 7.52 -3.84 -5.52
C GLU B 115 8.87 -3.18 -5.81
N LEU B 116 9.66 -2.87 -4.77
CA LEU B 116 10.75 -1.88 -4.87
C LEU B 116 12.03 -2.41 -5.52
N VAL B 117 12.29 -3.72 -5.36
CA VAL B 117 13.39 -4.39 -6.03
C VAL B 117 13.11 -4.43 -7.53
N GLY B 118 11.84 -4.68 -7.90
CA GLY B 118 11.43 -4.70 -9.29
C GLY B 118 11.75 -3.39 -9.98
N ALA B 119 11.49 -2.28 -9.29
CA ALA B 119 11.82 -0.94 -9.76
C ALA B 119 13.32 -0.69 -9.65
N VAL B 120 14.00 -1.38 -8.72
CA VAL B 120 15.45 -1.30 -8.73
C VAL B 120 15.90 -1.94 -10.04
N ALA B 121 15.43 -3.18 -10.27
CA ALA B 121 15.86 -4.00 -11.39
C ALA B 121 15.71 -3.33 -12.76
N THR B 122 14.71 -2.43 -12.90
CA THR B 122 14.38 -1.85 -14.20
C THR B 122 14.92 -0.42 -14.27
N GLY B 123 15.59 0.03 -13.19
CA GLY B 123 16.07 1.39 -13.10
C GLY B 123 17.20 1.68 -14.08
N GLU B 124 17.45 2.97 -14.32
CA GLU B 124 18.60 3.42 -15.08
C GLU B 124 19.86 3.22 -14.24
N ARG B 125 20.82 2.47 -14.80
CA ARG B 125 22.05 2.13 -14.10
C ARG B 125 23.20 3.07 -14.36
N PRO B 126 23.93 3.54 -13.32
CA PRO B 126 23.83 2.97 -11.98
C PRO B 126 22.67 3.54 -11.17
N VAL B 127 22.02 2.67 -10.41
CA VAL B 127 20.93 3.04 -9.54
C VAL B 127 21.46 3.31 -8.12
N ASP B 128 21.05 4.43 -7.55
CA ASP B 128 21.25 4.69 -6.14
C ASP B 128 20.31 3.82 -5.31
N LEU B 129 20.87 2.84 -4.60
CA LEU B 129 20.08 1.90 -3.83
C LEU B 129 19.41 2.61 -2.66
N VAL B 130 19.87 3.78 -2.28
CA VAL B 130 19.28 4.40 -1.10
C VAL B 130 17.90 4.93 -1.48
N GLU B 131 17.88 5.92 -2.38
CA GLU B 131 16.64 6.54 -2.82
C GLU B 131 15.63 5.52 -3.35
N THR B 132 16.06 4.45 -4.00
CA THR B 132 15.10 3.57 -4.68
C THR B 132 14.70 2.39 -3.79
N PHE B 133 15.46 2.11 -2.70
CA PHE B 133 15.21 0.85 -1.97
C PHE B 133 15.24 1.06 -0.46
N THR B 134 16.42 1.39 0.09
CA THR B 134 16.68 1.28 1.51
C THR B 134 15.89 2.33 2.30
N LEU B 135 15.86 3.58 1.81
CA LEU B 135 15.07 4.64 2.39
C LEU B 135 13.58 4.30 2.26
N PRO B 136 12.99 4.09 1.06
CA PRO B 136 11.55 3.92 0.96
C PRO B 136 11.03 2.62 1.55
N LEU B 137 11.82 1.55 1.56
CA LEU B 137 11.26 0.27 1.96
C LEU B 137 10.62 0.33 3.35
N PRO B 138 11.34 0.75 4.39
CA PRO B 138 10.80 0.71 5.75
C PRO B 138 9.80 1.83 6.05
N ILE B 139 10.04 3.04 5.54
CA ILE B 139 9.07 4.11 5.69
C ILE B 139 7.76 3.64 5.08
N GLN B 140 7.82 3.03 3.88
CA GLN B 140 6.62 2.62 3.19
C GLN B 140 5.94 1.47 3.93
N ILE B 141 6.71 0.60 4.59
CA ILE B 141 6.07 -0.41 5.38
C ILE B 141 5.37 0.25 6.57
N MET B 142 6.08 1.15 7.28
CA MET B 142 5.52 1.70 8.50
C MET B 142 4.21 2.38 8.12
N CYS B 143 4.27 3.31 7.16
CA CYS B 143 3.09 3.99 6.64
C CYS B 143 1.97 3.03 6.26
N GLU B 144 2.29 1.88 5.68
CA GLU B 144 1.25 0.91 5.36
C GLU B 144 0.64 0.43 6.65
N LEU B 145 1.48 0.14 7.66
CA LEU B 145 1.01 -0.40 8.93
C LEU B 145 0.14 0.57 9.73
N MET B 146 0.30 1.89 9.47
CA MET B 146 -0.38 2.94 10.19
C MET B 146 -1.55 3.55 9.41
N GLY B 147 -1.86 3.02 8.22
CA GLY B 147 -2.96 3.51 7.41
C GLY B 147 -2.66 4.91 6.88
N VAL B 148 -1.40 5.22 6.62
CA VAL B 148 -1.07 6.55 6.13
C VAL B 148 -1.23 6.59 4.61
N PRO B 149 -2.04 7.52 4.07
CA PRO B 149 -2.10 7.72 2.62
C PRO B 149 -0.71 7.74 1.99
N ALA B 150 -0.54 7.08 0.85
CA ALA B 150 0.77 6.99 0.24
C ALA B 150 1.29 8.38 -0.14
N ALA B 151 0.40 9.35 -0.37
CA ALA B 151 0.85 10.69 -0.76
C ALA B 151 1.56 11.39 0.39
N ASP B 152 1.37 10.87 1.61
CA ASP B 152 1.84 11.53 2.83
C ASP B 152 3.20 11.00 3.28
N ARG B 153 3.89 10.24 2.41
CA ARG B 153 5.09 9.51 2.83
C ARG B 153 6.31 10.42 2.97
N ARG B 154 6.59 11.26 1.97
CA ARG B 154 7.72 12.17 2.04
C ARG B 154 7.59 13.14 3.22
N LYS B 155 6.36 13.53 3.62
CA LYS B 155 6.16 14.45 4.75
C LYS B 155 6.70 13.79 6.02
N PHE B 156 6.28 12.53 6.25
CA PHE B 156 6.74 11.72 7.36
C PHE B 156 8.26 11.58 7.35
N GLN B 157 8.83 11.42 6.17
CA GLN B 157 10.27 11.16 6.09
C GLN B 157 11.09 12.40 6.43
N LEU B 158 10.69 13.56 5.88
CA LEU B 158 11.43 14.80 6.11
C LEU B 158 11.31 15.19 7.59
N TRP B 159 10.09 15.04 8.16
CA TRP B 159 9.90 15.35 9.57
C TRP B 159 10.86 14.52 10.41
N THR B 160 10.98 13.22 10.09
CA THR B 160 11.75 12.35 10.95
C THR B 160 13.22 12.73 10.86
N ASP B 161 13.65 13.17 9.66
CA ASP B 161 15.02 13.65 9.49
C ASP B 161 15.26 14.84 10.42
N MET B 162 14.26 15.67 10.65
CA MET B 162 14.48 16.89 11.48
C MET B 162 14.64 16.51 12.95
N ILE B 163 13.83 15.58 13.43
CA ILE B 163 13.85 15.26 14.88
C ILE B 163 15.13 14.49 15.24
N ILE B 164 15.68 13.72 14.29
CA ILE B 164 16.96 12.97 14.51
C ILE B 164 18.07 14.00 14.78
N SER B 165 17.95 15.24 14.26
CA SER B 165 18.85 16.37 14.59
C SER B 165 18.50 17.57 13.70
N ALA B 168 24.23 19.78 9.18
CA ALA B 168 23.64 19.78 10.54
C ALA B 168 22.13 19.55 10.45
N PHE B 169 21.46 20.42 9.69
CA PHE B 169 20.00 20.46 9.56
C PHE B 169 19.37 20.71 10.93
N THR B 170 20.20 21.08 11.90
CA THR B 170 19.71 21.35 13.26
C THR B 170 19.13 22.73 13.34
N ALA B 171 18.21 22.97 14.28
CA ALA B 171 17.64 24.32 14.52
C ALA B 171 16.62 24.25 15.66
N GLU B 172 15.68 25.19 15.72
CA GLU B 172 14.54 25.11 16.68
C GLU B 172 13.45 24.48 15.82
N GLU B 173 13.84 24.09 14.61
CA GLU B 173 12.94 23.45 13.67
C GLU B 173 12.58 22.03 14.11
N ARG B 174 13.41 21.39 14.95
CA ARG B 174 13.13 20.03 15.39
C ARG B 174 12.06 20.08 16.50
N ILE B 175 11.48 21.28 16.68
CA ILE B 175 10.36 21.52 17.58
C ILE B 175 9.10 21.73 16.74
N GLY B 176 9.23 22.47 15.63
CA GLY B 176 8.14 22.64 14.67
C GLY B 176 7.73 21.34 13.99
N ALA B 177 8.70 20.46 13.74
CA ALA B 177 8.46 19.19 13.09
C ALA B 177 7.61 18.27 13.98
N ALA B 178 7.95 18.25 15.27
CA ALA B 178 7.26 17.42 16.25
C ALA B 178 5.76 17.73 16.28
N GLY B 179 5.42 19.03 16.21
CA GLY B 179 4.04 19.46 16.35
C GLY B 179 3.23 19.20 15.10
N GLU B 180 3.91 19.13 13.97
CA GLU B 180 3.20 18.82 12.70
C GLU B 180 2.94 17.32 12.64
N PHE B 181 3.92 16.50 13.04
CA PHE B 181 3.73 15.03 13.06
C PHE B 181 2.67 14.72 14.08
N THR B 182 2.81 15.27 15.28
CA THR B 182 1.85 14.98 16.36
C THR B 182 0.46 15.31 15.88
N GLY B 183 0.29 16.48 15.28
CA GLY B 183 -1.02 16.90 14.80
C GLY B 183 -1.52 15.98 13.72
N TYR B 184 -0.71 15.80 12.68
CA TYR B 184 -1.15 14.94 11.60
C TYR B 184 -1.66 13.61 12.19
N VAL B 185 -0.90 13.06 13.15
CA VAL B 185 -1.16 11.71 13.66
C VAL B 185 -2.45 11.74 14.46
N SER B 186 -2.74 12.84 15.16
CA SER B 186 -3.95 12.87 15.97
C SER B 186 -5.18 12.81 15.08
N GLU B 187 -5.15 13.60 14.00
CA GLU B 187 -6.13 13.63 12.92
C GLU B 187 -6.24 12.25 12.27
N LEU B 188 -5.12 11.55 12.05
CA LEU B 188 -5.14 10.19 11.54
C LEU B 188 -5.95 9.29 12.47
N ILE B 189 -5.72 9.41 13.77
CA ILE B 189 -6.45 8.66 14.79
C ILE B 189 -7.96 8.95 14.72
N GLU B 190 -8.33 10.25 14.68
CA GLU B 190 -9.72 10.67 14.70
C GLU B 190 -10.46 9.90 13.59
N GLY B 191 -9.95 10.08 12.37
CA GLY B 191 -10.42 9.39 11.17
C GLY B 191 -10.61 7.89 11.41
N ARG B 192 -9.62 7.27 12.03
CA ARG B 192 -9.50 5.83 11.99
C ARG B 192 -10.37 5.17 13.05
N ARG B 193 -10.58 5.82 14.20
CA ARG B 193 -11.45 5.27 15.23
C ARG B 193 -12.82 5.03 14.60
N GLY B 194 -13.31 3.80 14.71
CA GLY B 194 -14.63 3.48 14.24
C GLY B 194 -14.67 2.84 12.85
N THR B 195 -13.52 2.71 12.15
CA THR B 195 -13.50 2.12 10.82
C THR B 195 -13.47 0.60 10.92
N GLY B 196 -12.83 0.05 11.94
CA GLY B 196 -12.86 -1.38 12.17
C GLY B 196 -11.77 -2.14 11.40
N GLY B 197 -10.65 -1.47 11.11
CA GLY B 197 -9.53 -2.06 10.37
C GLY B 197 -8.66 -2.92 11.26
N ASP B 198 -7.67 -3.62 10.67
CA ASP B 198 -6.87 -4.63 11.37
C ASP B 198 -5.37 -4.36 11.28
N ALA B 199 -4.98 -3.12 10.96
CA ALA B 199 -3.57 -2.72 10.89
C ALA B 199 -3.02 -2.44 12.30
N LEU B 200 -1.74 -2.12 12.36
CA LEU B 200 -1.10 -1.73 13.61
C LEU B 200 -1.83 -0.55 14.27
N ILE B 201 -2.11 0.49 13.47
CA ILE B 201 -2.69 1.71 13.98
C ILE B 201 -4.05 1.43 14.62
N ASP B 202 -4.75 0.40 14.15
CA ASP B 202 -6.02 0.01 14.76
C ASP B 202 -5.76 -0.69 16.10
N ALA B 203 -4.71 -1.48 16.17
CA ALA B 203 -4.43 -2.20 17.39
C ALA B 203 -4.04 -1.25 18.53
N LEU B 204 -3.40 -0.12 18.17
CA LEU B 204 -2.97 0.86 19.15
C LEU B 204 -4.19 1.60 19.69
N ILE B 205 -5.13 1.91 18.79
CA ILE B 205 -6.32 2.66 19.13
C ILE B 205 -7.19 1.80 20.06
N GLU B 206 -7.37 0.52 19.73
CA GLU B 206 -8.12 -0.43 20.56
C GLU B 206 -7.36 -0.81 21.84
N ALA B 207 -6.17 -0.23 22.05
CA ALA B 207 -5.48 -0.37 23.33
C ALA B 207 -5.84 0.81 24.25
N HIS B 208 -5.90 2.04 23.72
CA HIS B 208 -6.46 3.20 24.40
C HIS B 208 -7.89 2.95 24.91
N GLU B 209 -8.85 2.69 23.99
CA GLU B 209 -10.25 2.45 24.30
C GLU B 209 -10.43 1.37 25.39
N ASP B 210 -10.79 1.85 26.60
CA ASP B 210 -10.92 1.05 27.82
C ASP B 210 -9.59 0.34 28.12
N ARG B 213 -3.63 -0.05 29.34
CA ARG B 213 -4.33 1.03 28.59
C ARG B 213 -3.30 2.08 28.17
N LEU B 214 -3.71 3.00 27.31
CA LEU B 214 -2.79 4.03 26.82
C LEU B 214 -3.57 5.33 26.88
N SER B 215 -2.95 6.41 27.35
CA SER B 215 -3.61 7.70 27.40
C SER B 215 -3.58 8.30 26.00
N GLU B 216 -4.20 9.45 25.81
CA GLU B 216 -4.30 10.02 24.48
C GLU B 216 -2.90 10.38 24.04
N ALA B 217 -2.18 11.06 24.92
CA ALA B 217 -0.89 11.62 24.58
C ALA B 217 0.12 10.49 24.36
N GLU B 218 -0.09 9.35 25.05
CA GLU B 218 0.77 8.18 24.95
C GLU B 218 0.59 7.55 23.57
N LEU B 219 -0.69 7.31 23.20
CA LEU B 219 -1.05 6.82 21.89
C LEU B 219 -0.42 7.66 20.80
N VAL B 220 -0.67 8.98 20.85
CA VAL B 220 -0.19 9.86 19.80
C VAL B 220 1.33 9.72 19.67
N HIS B 221 2.04 9.88 20.78
CA HIS B 221 3.50 9.98 20.75
C HIS B 221 4.10 8.62 20.41
N LEU B 222 3.52 7.53 20.93
CA LEU B 222 4.00 6.21 20.59
C LEU B 222 3.83 5.94 19.07
N THR B 223 2.69 6.30 18.47
CA THR B 223 2.52 6.12 17.04
C THR B 223 3.55 6.91 16.24
N VAL B 224 3.76 8.17 16.61
CA VAL B 224 4.81 8.95 15.98
C VAL B 224 6.16 8.24 16.14
N MET B 225 6.45 7.78 17.35
CA MET B 225 7.76 7.17 17.59
C MET B 225 7.91 5.87 16.78
N LEU B 226 6.85 5.05 16.70
CA LEU B 226 6.93 3.80 15.94
C LEU B 226 7.21 4.13 14.45
N ILE B 227 6.69 5.26 13.98
CA ILE B 227 6.91 5.61 12.60
C ILE B 227 8.37 6.01 12.40
N MET B 228 8.87 6.90 13.26
CA MET B 228 10.24 7.39 13.12
C MET B 228 11.25 6.26 13.30
N ALA B 229 11.07 5.42 14.32
CA ALA B 229 12.06 4.35 14.60
C ALA B 229 12.04 3.29 13.50
N GLY B 230 10.86 2.93 13.02
CA GLY B 230 10.76 1.86 12.02
C GLY B 230 11.27 2.27 10.67
N TYR B 231 11.60 3.54 10.50
CA TYR B 231 12.14 4.04 9.21
C TYR B 231 13.61 4.35 9.34
N GLU B 232 13.97 5.35 10.13
CA GLU B 232 15.37 5.85 10.17
C GLU B 232 16.37 4.78 10.59
N THR B 233 16.06 3.98 11.60
CA THR B 233 17.06 3.03 12.07
C THR B 233 17.27 1.95 11.02
N THR B 234 16.18 1.32 10.59
CA THR B 234 16.22 0.26 9.59
C THR B 234 16.84 0.76 8.29
N ALA B 235 16.41 1.93 7.81
CA ALA B 235 16.92 2.50 6.58
C ALA B 235 18.45 2.54 6.60
N GLY B 236 19.02 3.18 7.64
CA GLY B 236 20.47 3.33 7.81
C GLY B 236 21.19 1.98 7.83
N VAL B 237 20.77 1.10 8.74
CA VAL B 237 21.40 -0.21 8.90
C VAL B 237 21.43 -0.97 7.57
N LEU B 238 20.31 -0.99 6.86
CA LEU B 238 20.20 -1.73 5.62
C LEU B 238 21.14 -1.20 4.54
N ALA B 239 21.21 0.13 4.37
CA ALA B 239 22.09 0.79 3.40
C ALA B 239 23.54 0.49 3.73
N ARG B 240 23.90 0.76 4.99
CA ARG B 240 25.17 0.35 5.53
C ARG B 240 25.41 -1.13 5.30
N GLY B 241 24.41 -1.96 5.62
CA GLY B 241 24.58 -3.40 5.51
C GLY B 241 24.93 -3.78 4.06
N LEU B 242 24.15 -3.25 3.11
CA LEU B 242 24.34 -3.63 1.72
C LEU B 242 25.71 -3.16 1.22
N LEU B 243 26.11 -1.96 1.65
CA LEU B 243 27.38 -1.37 1.22
C LEU B 243 28.56 -2.24 1.70
N THR B 244 28.50 -2.78 2.92
CA THR B 244 29.58 -3.64 3.43
C THR B 244 29.58 -4.95 2.67
N LEU B 245 28.39 -5.50 2.42
CA LEU B 245 28.26 -6.72 1.63
C LEU B 245 28.96 -6.55 0.28
N LEU B 246 28.73 -5.41 -0.37
CA LEU B 246 29.22 -5.24 -1.73
C LEU B 246 30.73 -5.00 -1.68
N THR B 247 31.19 -4.23 -0.69
CA THR B 247 32.61 -3.88 -0.65
C THR B 247 33.42 -5.07 -0.18
N THR B 248 32.88 -5.96 0.67
CA THR B 248 33.55 -7.19 1.07
C THR B 248 33.38 -8.32 0.06
N GLY B 249 32.42 -8.22 -0.87
CA GLY B 249 32.05 -9.37 -1.71
C GLY B 249 31.28 -10.44 -0.92
N GLN B 250 30.68 -10.07 0.21
CA GLN B 250 29.95 -11.07 0.99
C GLN B 250 28.52 -11.11 0.47
N TYR B 251 28.16 -10.15 -0.39
CA TYR B 251 26.92 -10.22 -1.16
C TYR B 251 26.83 -11.56 -1.90
N ARG B 252 27.96 -11.95 -2.53
CA ARG B 252 28.04 -13.16 -3.34
C ARG B 252 27.81 -14.40 -2.46
N THR B 253 28.34 -14.41 -1.26
CA THR B 253 28.19 -15.53 -0.35
C THR B 253 26.72 -15.82 -0.07
N LEU B 254 25.91 -14.75 -0.03
CA LEU B 254 24.50 -14.86 0.31
C LEU B 254 23.67 -15.35 -0.90
N VAL B 255 24.02 -14.87 -2.10
CA VAL B 255 23.46 -15.35 -3.36
C VAL B 255 23.73 -16.85 -3.55
N GLU B 256 24.96 -17.30 -3.29
CA GLU B 256 25.36 -18.68 -3.53
C GLU B 256 24.89 -19.57 -2.38
N GLU B 257 24.75 -18.98 -1.20
CA GLU B 257 24.35 -19.76 0.00
C GLU B 257 23.31 -18.99 0.82
N PRO B 258 22.05 -18.90 0.37
CA PRO B 258 21.02 -18.10 1.04
C PRO B 258 20.72 -18.42 2.51
N ALA B 259 21.11 -19.61 2.98
CA ALA B 259 20.87 -20.02 4.36
C ALA B 259 21.78 -19.24 5.34
N VAL B 260 22.78 -18.54 4.79
CA VAL B 260 23.65 -17.66 5.52
C VAL B 260 22.95 -16.34 5.87
N ILE B 261 21.91 -15.98 5.14
CA ILE B 261 21.27 -14.68 5.32
C ILE B 261 21.00 -14.36 6.79
N PRO B 262 20.48 -15.28 7.65
CA PRO B 262 20.15 -14.92 9.03
C PRO B 262 21.36 -14.46 9.86
N THR B 263 22.48 -15.15 9.74
CA THR B 263 23.69 -14.76 10.44
C THR B 263 24.20 -13.45 9.83
N ALA B 264 23.96 -13.25 8.54
CA ALA B 264 24.37 -12.02 7.90
C ALA B 264 23.56 -10.86 8.48
N VAL B 265 22.27 -11.10 8.77
CA VAL B 265 21.44 -10.06 9.34
C VAL B 265 22.03 -9.66 10.69
N GLU B 266 22.31 -10.65 11.54
CA GLU B 266 22.89 -10.35 12.82
C GLU B 266 24.24 -9.63 12.68
N GLU B 267 25.11 -10.05 11.76
CA GLU B 267 26.44 -9.48 11.65
C GLU B 267 26.36 -8.04 11.12
N ILE B 268 25.35 -7.79 10.29
CA ILE B 268 25.08 -6.44 9.84
C ILE B 268 24.62 -5.58 11.00
N LEU B 269 23.84 -6.16 11.92
CA LEU B 269 23.28 -5.38 13.01
C LEU B 269 24.43 -4.99 13.91
N ARG B 270 25.33 -5.95 14.09
CA ARG B 270 26.50 -5.80 14.94
C ARG B 270 27.42 -4.73 14.36
N TYR B 271 27.76 -4.84 13.08
CA TYR B 271 28.83 -4.05 12.50
C TYR B 271 28.35 -2.66 12.09
N GLU B 272 27.03 -2.50 11.89
CA GLU B 272 26.48 -1.34 11.21
C GLU B 272 25.60 -0.54 12.15
N ALA B 273 25.63 -0.87 13.45
CA ALA B 273 24.93 -0.12 14.48
C ALA B 273 24.99 1.39 14.16
N PRO B 274 23.85 2.07 13.98
CA PRO B 274 23.87 3.35 13.28
C PRO B 274 24.37 4.53 14.11
N SER B 275 24.62 4.32 15.41
CA SER B 275 24.99 5.41 16.30
C SER B 275 26.30 5.15 17.06
N ASP B 276 27.03 6.23 17.29
CA ASP B 276 28.23 6.28 18.11
C ASP B 276 27.86 6.23 19.60
N GLY B 277 26.63 6.64 19.92
CA GLY B 277 26.23 6.83 21.30
C GLY B 277 24.96 6.07 21.67
N GLY B 278 24.25 6.63 22.66
CA GLY B 278 23.02 6.04 23.12
C GLY B 278 22.39 6.98 24.13
N LEU B 279 21.13 6.75 24.50
CA LEU B 279 20.44 7.58 25.48
C LEU B 279 21.09 7.45 26.85
N LEU B 280 21.42 8.60 27.46
CA LEU B 280 22.01 8.66 28.78
C LEU B 280 21.24 7.83 29.79
N ARG B 281 21.99 7.15 30.67
CA ARG B 281 21.41 6.59 31.87
C ARG B 281 21.90 7.35 33.10
N MET B 282 20.97 7.62 34.03
CA MET B 282 21.30 8.29 35.28
C MET B 282 21.28 7.25 36.40
N PRO B 283 22.43 7.01 37.07
CA PRO B 283 22.44 6.11 38.22
C PRO B 283 21.76 6.76 39.41
N THR B 284 20.96 5.96 40.14
CA THR B 284 20.11 6.46 41.22
C THR B 284 20.75 6.21 42.58
N LYS B 285 21.98 5.79 42.60
CA LYS B 285 22.85 5.56 43.75
C LYS B 285 24.19 5.14 43.15
N ASP B 286 25.24 4.87 43.86
CA ASP B 286 26.51 4.40 43.35
C ASP B 286 26.31 3.02 42.72
N VAL B 287 26.86 2.81 41.51
CA VAL B 287 26.75 1.51 40.88
C VAL B 287 28.15 1.01 40.54
N ARG B 288 28.43 -0.26 40.86
CA ARG B 288 29.66 -0.91 40.47
C ARG B 288 29.49 -1.61 39.12
N LEU B 289 30.01 -1.00 38.06
CA LEU B 289 30.11 -1.65 36.76
C LEU B 289 31.33 -2.55 36.80
N PRO B 290 31.50 -3.44 35.80
CA PRO B 290 32.70 -4.27 35.74
C PRO B 290 34.01 -3.49 35.68
N SER B 291 34.03 -2.33 35.02
CA SER B 291 35.29 -1.64 34.81
C SER B 291 35.54 -0.60 35.90
N GLY B 292 34.57 -0.39 36.81
CA GLY B 292 34.68 0.63 37.84
C GLY B 292 33.30 1.06 38.35
N VAL B 293 33.32 1.95 39.37
CA VAL B 293 32.15 2.47 40.05
C VAL B 293 31.75 3.79 39.40
N VAL B 294 30.45 3.96 39.19
CA VAL B 294 29.93 5.20 38.68
C VAL B 294 29.11 5.83 39.80
N GLY B 295 29.27 7.16 39.98
CA GLY B 295 28.66 7.91 41.06
C GLY B 295 27.18 8.26 40.85
N GLU B 296 26.40 8.23 41.94
CA GLU B 296 25.00 8.60 41.92
C GLU B 296 24.86 9.95 41.25
N GLY B 297 23.91 10.10 40.31
CA GLY B 297 23.68 11.37 39.62
C GLY B 297 24.73 11.72 38.55
N GLN B 298 25.59 10.78 38.16
CA GLN B 298 26.57 11.04 37.12
C GLN B 298 26.25 10.19 35.88
N ALA B 299 25.78 10.87 34.83
CA ALA B 299 25.14 10.21 33.71
C ALA B 299 26.17 9.39 32.92
N VAL B 300 25.75 8.25 32.37
CA VAL B 300 26.57 7.38 31.54
C VAL B 300 25.88 7.29 30.18
N MET B 301 26.65 7.50 29.10
CA MET B 301 26.26 7.20 27.72
C MET B 301 26.65 5.76 27.41
N PRO B 302 25.69 4.89 27.02
CA PRO B 302 26.05 3.52 26.65
C PRO B 302 26.33 3.40 25.16
N SER B 303 27.58 3.17 24.78
CA SER B 303 27.86 3.12 23.36
C SER B 303 27.76 1.67 22.90
N MET B 304 26.58 1.34 22.42
CA MET B 304 26.30 0.02 21.87
C MET B 304 27.22 -0.32 20.69
N ALA B 305 27.68 0.68 19.92
CA ALA B 305 28.51 0.40 18.76
C ALA B 305 29.94 0.03 19.19
N ALA B 306 30.46 0.74 20.20
CA ALA B 306 31.74 0.41 20.76
C ALA B 306 31.69 -0.99 21.38
N ALA B 307 30.61 -1.32 22.10
CA ALA B 307 30.46 -2.63 22.73
C ALA B 307 30.59 -3.75 21.71
N ASN B 308 30.02 -3.50 20.52
CA ASN B 308 29.89 -4.47 19.43
C ASN B 308 31.24 -4.78 18.77
N ARG B 309 32.26 -4.01 19.12
CA ARG B 309 33.58 -4.21 18.55
C ARG B 309 34.56 -4.42 19.68
N ASP B 310 34.09 -4.95 20.79
CA ASP B 310 34.96 -5.18 21.91
C ASP B 310 35.63 -6.53 21.72
N PRO B 311 36.99 -6.57 21.59
CA PRO B 311 37.71 -7.83 21.38
C PRO B 311 37.63 -8.79 22.56
N GLU B 312 37.11 -8.35 23.71
CA GLU B 312 36.86 -9.25 24.82
C GLU B 312 35.71 -10.22 24.51
N VAL B 313 34.84 -9.83 23.57
CA VAL B 313 33.59 -10.53 23.33
C VAL B 313 33.61 -11.11 21.94
N PHE B 314 34.14 -10.35 20.98
CA PHE B 314 34.10 -10.71 19.58
C PHE B 314 35.51 -10.81 19.01
N THR B 315 35.92 -12.02 18.61
CA THR B 315 37.22 -12.26 17.99
C THR B 315 37.34 -11.42 16.71
N ASP B 316 38.46 -10.74 16.49
CA ASP B 316 38.63 -9.95 15.27
C ASP B 316 37.43 -9.01 15.08
N PRO B 317 37.13 -8.15 16.04
CA PRO B 317 35.89 -7.41 16.01
C PRO B 317 35.75 -6.46 14.85
N GLU B 318 36.86 -6.10 14.20
CA GLU B 318 36.83 -5.14 13.10
C GLU B 318 36.65 -5.85 11.76
N THR B 319 36.59 -7.19 11.79
CA THR B 319 36.33 -7.95 10.58
C THR B 319 34.83 -8.17 10.46
N PHE B 320 34.29 -7.93 9.26
CA PHE B 320 32.91 -8.17 8.90
C PHE B 320 32.77 -9.58 8.36
N ASP B 321 31.97 -10.43 8.99
CA ASP B 321 31.92 -11.84 8.60
C ASP B 321 30.48 -12.36 8.74
N VAL B 322 29.81 -12.60 7.62
CA VAL B 322 28.37 -13.00 7.64
C VAL B 322 28.18 -14.42 8.17
N ARG B 323 29.25 -15.12 8.53
CA ARG B 323 29.12 -16.53 8.95
C ARG B 323 29.37 -16.64 10.45
N ARG B 324 29.68 -15.51 11.08
CA ARG B 324 29.96 -15.53 12.54
C ARG B 324 28.70 -16.02 13.25
N ALA B 325 28.84 -17.01 14.12
CA ALA B 325 27.68 -17.62 14.74
C ALA B 325 27.22 -16.71 15.89
N LYS B 326 26.05 -17.02 16.46
CA LYS B 326 25.40 -16.17 17.50
C LYS B 326 26.31 -15.64 18.61
N CYS B 327 26.58 -14.34 18.60
CA CYS B 327 27.29 -13.69 19.73
C CYS B 327 26.46 -12.43 19.99
N PRO B 328 25.70 -12.36 21.09
CA PRO B 328 24.77 -11.25 21.35
C PRO B 328 25.36 -9.86 21.08
N HIS B 329 24.80 -9.16 20.12
CA HIS B 329 25.20 -7.75 19.85
C HIS B 329 24.26 -6.85 20.66
N LEU B 330 24.48 -5.53 20.62
CA LEU B 330 23.66 -4.66 21.46
C LEU B 330 23.00 -3.62 20.56
N THR B 331 22.83 -3.94 19.29
CA THR B 331 22.30 -2.95 18.38
C THR B 331 20.82 -2.66 18.67
N PHE B 332 20.14 -3.59 19.34
CA PHE B 332 18.77 -3.38 19.76
C PHE B 332 18.72 -2.91 21.22
N GLY B 333 19.86 -2.54 21.80
CA GLY B 333 19.88 -2.23 23.22
C GLY B 333 19.71 -3.52 24.02
N GLN B 334 19.32 -3.37 25.30
CA GLN B 334 19.18 -4.48 26.21
C GLN B 334 18.35 -4.04 27.42
N GLY B 335 17.83 -5.01 28.17
CA GLY B 335 17.04 -4.72 29.34
C GLY B 335 15.65 -4.21 28.97
N ALA B 336 15.16 -3.27 29.79
CA ALA B 336 13.76 -2.91 29.76
C ALA B 336 13.42 -2.13 28.49
N HIS B 337 14.35 -1.26 28.01
CA HIS B 337 14.07 -0.44 26.83
C HIS B 337 14.53 -1.14 25.54
N TYR B 338 14.89 -2.44 25.59
CA TYR B 338 15.25 -3.22 24.41
C TYR B 338 14.24 -2.96 23.27
N CYS B 339 14.75 -2.74 22.05
CA CYS B 339 13.91 -2.27 20.98
C CYS B 339 12.60 -3.07 20.85
N ALA B 340 11.47 -2.35 20.88
CA ALA B 340 10.12 -2.92 20.80
C ALA B 340 9.79 -3.47 19.41
N GLY B 341 10.35 -2.87 18.34
CA GLY B 341 10.13 -3.37 16.99
C GLY B 341 11.20 -4.34 16.50
N ALA B 342 11.96 -4.95 17.43
CA ALA B 342 13.12 -5.73 17.01
C ALA B 342 12.81 -6.79 15.94
N ASN B 343 11.66 -7.49 16.08
CA ASN B 343 11.33 -8.64 15.23
C ASN B 343 10.83 -8.24 13.85
N LEU B 344 10.13 -7.12 13.77
CA LEU B 344 9.84 -6.52 12.47
C LEU B 344 11.12 -6.09 11.76
N ALA B 345 12.05 -5.50 12.50
CA ALA B 345 13.31 -4.99 11.92
C ALA B 345 14.15 -6.11 11.31
N ARG B 346 14.35 -7.18 12.09
CA ARG B 346 15.13 -8.35 11.64
C ARG B 346 14.44 -8.94 10.41
N HIS B 347 13.13 -9.13 10.51
CA HIS B 347 12.38 -9.60 9.37
C HIS B 347 12.52 -8.65 8.17
N GLU B 348 12.40 -7.32 8.36
CA GLU B 348 12.58 -6.45 7.21
C GLU B 348 13.96 -6.71 6.60
N LEU B 349 15.02 -6.76 7.42
CA LEU B 349 16.36 -6.94 6.87
C LEU B 349 16.52 -8.29 6.18
N GLN B 350 15.97 -9.35 6.78
CA GLN B 350 16.10 -10.71 6.19
C GLN B 350 15.43 -10.73 4.81
N VAL B 351 14.21 -10.20 4.69
CA VAL B 351 13.46 -10.21 3.41
C VAL B 351 14.14 -9.28 2.39
N ALA B 352 14.71 -8.17 2.85
CA ALA B 352 15.29 -7.26 1.88
C ALA B 352 16.41 -7.98 1.15
N LEU B 353 17.22 -8.70 1.93
CA LEU B 353 18.39 -9.39 1.42
C LEU B 353 17.97 -10.65 0.66
N GLU B 354 16.93 -11.35 1.13
CA GLU B 354 16.45 -12.53 0.42
C GLU B 354 15.95 -12.12 -0.97
N THR B 355 15.17 -11.04 -1.00
CA THR B 355 14.56 -10.58 -2.25
C THR B 355 15.64 -10.01 -3.17
N LEU B 356 16.49 -9.14 -2.64
CA LEU B 356 17.43 -8.42 -3.47
C LEU B 356 18.49 -9.35 -4.06
N THR B 357 18.91 -10.40 -3.34
CA THR B 357 19.93 -11.31 -3.84
C THR B 357 19.32 -12.29 -4.84
N ARG B 358 18.04 -12.60 -4.68
CA ARG B 358 17.32 -13.40 -5.65
C ARG B 358 17.10 -12.62 -6.94
N ARG B 359 16.62 -11.40 -6.87
CA ARG B 359 16.36 -10.66 -8.12
C ARG B 359 17.65 -10.19 -8.79
N LEU B 360 18.64 -9.70 -8.03
CA LEU B 360 19.83 -9.16 -8.64
C LEU B 360 21.08 -9.79 -8.05
N PRO B 361 21.42 -11.02 -8.49
CA PRO B 361 22.56 -11.74 -7.92
C PRO B 361 23.93 -11.11 -8.16
N ASP B 362 24.08 -10.36 -9.25
CA ASP B 362 25.35 -9.89 -9.75
C ASP B 362 25.50 -8.38 -9.50
N LEU B 363 24.74 -7.90 -8.52
CA LEU B 363 24.81 -6.48 -8.09
C LEU B 363 26.23 -6.15 -7.61
N ARG B 364 26.69 -4.93 -7.89
CA ARG B 364 28.05 -4.51 -7.51
C ARG B 364 28.12 -2.98 -7.37
N LEU B 365 28.97 -2.49 -6.46
CA LEU B 365 29.14 -1.06 -6.27
C LEU B 365 29.52 -0.47 -7.61
N ALA B 366 28.84 0.61 -7.99
CA ALA B 366 29.12 1.28 -9.26
C ALA B 366 30.34 2.18 -9.12
N VAL B 367 30.72 2.54 -7.89
CA VAL B 367 31.86 3.41 -7.64
C VAL B 367 32.78 2.78 -6.60
N GLU B 368 33.92 3.46 -6.41
CA GLU B 368 34.88 3.04 -5.41
C GLU B 368 34.29 3.27 -4.01
N PRO B 369 34.54 2.37 -3.04
CA PRO B 369 34.07 2.60 -1.68
C PRO B 369 34.18 4.05 -1.21
N THR B 370 35.40 4.62 -1.36
CA THR B 370 35.81 5.90 -0.79
C THR B 370 35.15 7.08 -1.49
N GLU B 371 34.45 6.84 -2.62
CA GLU B 371 33.80 7.89 -3.39
C GLU B 371 32.42 8.25 -2.81
N ILE B 372 31.82 7.34 -2.01
CA ILE B 372 30.50 7.49 -1.41
C ILE B 372 30.50 8.57 -0.32
N GLU B 373 29.45 9.40 -0.29
CA GLU B 373 29.31 10.44 0.73
C GLU B 373 28.35 9.95 1.83
N TRP B 374 28.66 10.29 3.09
CA TRP B 374 27.88 9.92 4.26
C TRP B 374 27.08 11.12 4.78
N ARG B 375 25.88 10.84 5.31
CA ARG B 375 25.01 11.86 5.87
C ARG B 375 25.79 12.64 6.92
N LYS B 376 25.71 13.97 6.86
CA LYS B 376 26.37 14.83 7.81
C LYS B 376 25.30 15.31 8.80
N GLY B 377 25.68 15.63 10.04
CA GLY B 377 24.69 15.95 11.06
C GLY B 377 23.93 14.68 11.47
N LEU B 378 22.81 14.84 12.20
CA LEU B 378 22.03 13.70 12.67
C LEU B 378 22.82 12.86 13.68
N LEU B 379 22.11 12.15 14.57
CA LEU B 379 22.73 11.27 15.55
C LEU B 379 23.01 9.89 14.96
N LEU B 380 22.38 9.61 13.81
CA LEU B 380 22.68 8.43 13.02
C LEU B 380 23.72 8.73 11.94
N ARG B 381 24.51 7.69 11.61
CA ARG B 381 25.46 7.72 10.50
C ARG B 381 25.06 6.71 9.43
N GLY B 382 25.32 7.08 8.18
CA GLY B 382 24.87 6.32 7.03
C GLY B 382 25.27 7.01 5.72
N PRO B 383 25.39 6.24 4.62
CA PRO B 383 25.76 6.82 3.33
C PRO B 383 24.60 7.55 2.66
N LEU B 384 24.88 8.72 2.04
CA LEU B 384 23.89 9.49 1.30
C LEU B 384 23.35 8.63 0.16
N THR B 385 24.26 8.04 -0.63
CA THR B 385 23.94 7.18 -1.77
C THR B 385 24.69 5.85 -1.62
N VAL B 386 24.18 4.83 -2.33
CA VAL B 386 24.88 3.58 -2.54
C VAL B 386 24.66 3.23 -4.01
N PRO B 387 25.45 3.80 -4.93
CA PRO B 387 25.25 3.52 -6.35
C PRO B 387 25.69 2.12 -6.76
N VAL B 388 24.87 1.41 -7.54
CA VAL B 388 25.19 0.05 -7.92
C VAL B 388 24.81 -0.23 -9.37
N THR B 389 25.37 -1.32 -9.92
CA THR B 389 25.07 -1.78 -11.27
C THR B 389 25.20 -3.31 -11.31
N TRP B 390 24.87 -3.95 -12.46
CA TRP B 390 25.02 -5.41 -12.61
C TRP B 390 25.14 -5.89 -14.06
#